data_5OM9
#
_entry.id   5OM9
#
_cell.length_a   53.901
_cell.length_b   52.544
_cell.length_c   133.984
_cell.angle_alpha   90.00
_cell.angle_beta   94.84
_cell.angle_gamma   90.00
#
_symmetry.space_group_name_H-M   'P 1 21 1'
#
loop_
_entity.id
_entity.type
_entity.pdbx_description
1 polymer 'Carboxypeptidase A1'
2 non-polymer '(2~{R})-4-methyl-2-[(1~{S})-1-sulfanylethyl]pentanoic acid'
3 non-polymer 'ZINC ION'
4 water water
#
_entity_poly.entity_id   1
_entity_poly.type   'polypeptide(L)'
_entity_poly.pdbx_seq_one_letter_code
;MRGLLVLSVLLGAVFGKEDFVGHQVLRISVADEAQVQKVKELEDLEHLQLDFWRGPAHPGSPIDVRVPFPSIQAVKIFLE
SHGISYETMIEDVQSLLDEEQEQMFAFRSRARSTDTFNYATYHTLEEIYDFLDLLVAENPHLVSKIQIGNTYEGRPIYVL
KFSTGGSKRPAIWIDTGIHSREWVTQASGVWFAKKITQDYGQDAAFTAILDTLDIFLEIVTNPDGFAFTHSTNRMWRKTR
SHTAGSLCIGVDPNRNWDAGFGLSGASSNPCSETYHGKFANSEVEVKSIVDFVKDHGNIKAFISIHSYSQLLMYPYGYKT
EPVPDQDELDQLSKAAVTALASLYGTKFNYGSIIKAIYQASGSTIDWTYSQGIKYSFTFELRDTGRYGFLLPASQIIPTA
KETWLALLTIMEHTLNHPY
;
_entity_poly.pdbx_strand_id   A,B
#
# COMPACT_ATOMS: atom_id res chain seq x y z
N LYS A 17 33.00 -4.79 -4.25
CA LYS A 17 31.57 -4.48 -3.98
C LYS A 17 31.30 -5.06 -2.60
N GLU A 18 30.82 -4.21 -1.68
CA GLU A 18 30.37 -4.64 -0.37
C GLU A 18 29.27 -5.70 -0.53
N ASP A 19 29.36 -6.81 0.21
CA ASP A 19 28.15 -7.68 0.37
C ASP A 19 27.75 -7.86 1.84
N PHE A 20 26.57 -8.45 2.05
CA PHE A 20 25.91 -8.34 3.34
C PHE A 20 25.22 -9.66 3.69
N VAL A 21 25.84 -10.78 3.34
CA VAL A 21 25.20 -12.09 3.56
C VAL A 21 25.08 -12.35 5.08
N GLY A 22 23.87 -12.69 5.46
CA GLY A 22 23.59 -12.92 6.87
C GLY A 22 23.58 -11.65 7.75
N HIS A 23 23.68 -10.46 7.14
CA HIS A 23 23.57 -9.23 7.95
C HIS A 23 22.11 -9.12 8.30
N GLN A 24 21.80 -8.61 9.51
CA GLN A 24 20.40 -8.43 9.89
C GLN A 24 20.14 -6.97 10.17
N VAL A 25 18.90 -6.57 9.97
CA VAL A 25 18.45 -5.27 10.42
C VAL A 25 17.51 -5.47 11.63
N LEU A 26 17.91 -4.89 12.75
CA LEU A 26 17.15 -4.99 14.02
C LEU A 26 16.43 -3.66 14.22
N ARG A 27 15.19 -3.71 14.71
CA ARG A 27 14.52 -2.51 15.21
C ARG A 27 14.49 -2.60 16.73
N ILE A 28 15.21 -1.70 17.38
CA ILE A 28 15.35 -1.72 18.86
C ILE A 28 14.37 -0.71 19.50
N SER A 29 13.57 -1.15 20.47
CA SER A 29 12.71 -0.19 21.15
C SER A 29 13.43 0.22 22.41
N VAL A 30 13.47 1.52 22.64
CA VAL A 30 14.13 2.07 23.80
C VAL A 30 13.07 2.83 24.59
N ALA A 31 12.82 2.35 25.80
CA ALA A 31 11.63 2.77 26.52
C ALA A 31 11.90 3.99 27.42
N ASP A 32 13.18 4.24 27.69
CA ASP A 32 13.61 5.34 28.54
C ASP A 32 15.04 5.78 28.17
N GLU A 33 15.51 6.86 28.77
CA GLU A 33 16.85 7.37 28.39
C GLU A 33 17.96 6.40 28.71
N ALA A 34 17.75 5.63 29.78
CA ALA A 34 18.71 4.65 30.20
C ALA A 34 18.96 3.65 29.08
N GLN A 35 17.87 3.18 28.44
CA GLN A 35 17.95 2.20 27.33
C GLN A 35 18.52 2.90 26.09
N VAL A 36 18.20 4.20 25.90
CA VAL A 36 18.81 4.96 24.77
C VAL A 36 20.34 5.00 24.98
N GLN A 37 20.76 5.21 26.19
CA GLN A 37 22.19 5.39 26.44
C GLN A 37 22.87 4.05 26.24
N LYS A 38 22.18 2.94 26.55
CA LYS A 38 22.81 1.57 26.37
C LYS A 38 23.04 1.28 24.86
N VAL A 39 22.07 1.62 24.03
CA VAL A 39 22.24 1.48 22.60
C VAL A 39 23.34 2.44 22.05
N LYS A 40 23.48 3.63 22.63
CA LYS A 40 24.60 4.53 22.28
C LYS A 40 25.92 3.92 22.64
N GLU A 41 25.92 3.04 23.64
CA GLU A 41 27.18 2.34 23.99
C GLU A 41 27.61 1.41 22.86
N LEU A 42 26.64 0.71 22.28
CA LEU A 42 26.85 -0.11 21.09
C LEU A 42 27.35 0.72 19.92
N GLU A 43 26.69 1.86 19.65
CA GLU A 43 27.11 2.73 18.60
C GLU A 43 28.59 3.18 18.69
N ASP A 44 29.07 3.34 19.92
CA ASP A 44 30.42 3.85 20.16
C ASP A 44 31.50 2.79 19.89
N LEU A 45 31.08 1.52 19.70
CA LEU A 45 32.05 0.45 19.46
C LEU A 45 32.25 0.28 17.98
N GLU A 46 33.28 0.93 17.46
CA GLU A 46 33.53 0.92 16.02
C GLU A 46 33.84 -0.48 15.48
N HIS A 47 34.47 -1.34 16.27
CA HIS A 47 34.77 -2.68 15.81
C HIS A 47 33.52 -3.51 15.45
N LEU A 48 32.34 -3.18 16.00
CA LEU A 48 31.12 -3.91 15.64
C LEU A 48 30.66 -3.62 14.20
N GLN A 49 31.17 -2.53 13.60
CA GLN A 49 30.81 -2.09 12.20
C GLN A 49 29.30 -1.95 11.97
N LEU A 50 28.66 -1.39 12.98
CA LEU A 50 27.18 -1.21 12.92
C LEU A 50 26.82 -0.14 11.90
N ASP A 51 25.63 -0.24 11.30
CA ASP A 51 25.26 0.78 10.34
C ASP A 51 23.86 1.18 10.75
N PHE A 52 23.74 2.34 11.38
CA PHE A 52 22.44 2.80 11.84
C PHE A 52 21.61 3.33 10.73
N TRP A 53 20.45 2.74 10.58
CA TRP A 53 19.43 3.25 9.62
C TRP A 53 18.59 4.32 10.24
N ARG A 54 18.31 4.18 11.53
CA ARG A 54 17.67 5.26 12.28
C ARG A 54 18.37 5.25 13.63
N GLY A 55 19.21 6.28 13.87
CA GLY A 55 20.10 6.38 15.00
C GLY A 55 19.37 6.63 16.32
N PRO A 56 20.05 6.36 17.43
CA PRO A 56 19.55 6.68 18.78
C PRO A 56 19.05 8.12 18.80
N ALA A 57 17.87 8.32 19.38
CA ALA A 57 17.33 9.65 19.48
C ALA A 57 16.77 9.76 20.89
N HIS A 58 15.46 9.77 21.00
CA HIS A 58 14.82 9.92 22.33
C HIS A 58 14.12 8.59 22.64
N PRO A 59 13.65 8.39 23.86
CA PRO A 59 12.89 7.16 24.15
C PRO A 59 11.58 7.10 23.36
N GLY A 60 11.27 5.94 22.79
CA GLY A 60 10.08 5.76 21.92
C GLY A 60 10.35 5.99 20.44
N SER A 61 11.52 6.53 20.06
CA SER A 61 11.93 6.53 18.64
C SER A 61 12.65 5.19 18.38
N PRO A 62 12.16 4.37 17.43
CA PRO A 62 12.81 3.07 17.26
C PRO A 62 14.17 3.26 16.68
N ILE A 63 15.08 2.41 17.11
CA ILE A 63 16.45 2.51 16.56
C ILE A 63 16.63 1.37 15.59
N ASP A 64 16.87 1.68 14.30
CA ASP A 64 17.02 0.62 13.28
C ASP A 64 18.49 0.52 12.92
N VAL A 65 19.03 -0.70 12.98
CA VAL A 65 20.46 -0.85 12.78
C VAL A 65 20.78 -2.13 12.00
N ARG A 66 21.62 -1.93 10.98
CA ARG A 66 22.14 -3.10 10.26
C ARG A 66 23.33 -3.66 11.02
N VAL A 67 23.26 -4.97 11.31
CA VAL A 67 24.35 -5.59 12.02
C VAL A 67 25.03 -6.69 11.24
N PRO A 68 26.34 -6.53 10.98
CA PRO A 68 27.07 -7.53 10.24
C PRO A 68 27.04 -8.87 10.96
N PHE A 69 27.02 -9.93 10.16
CA PHE A 69 26.91 -11.27 10.75
C PHE A 69 27.77 -11.49 12.02
N PRO A 70 29.11 -11.25 11.99
CA PRO A 70 29.91 -11.58 13.18
C PRO A 70 29.58 -10.78 14.44
N SER A 71 28.76 -9.73 14.28
CA SER A 71 28.33 -8.88 15.40
C SER A 71 26.94 -9.25 15.96
N ILE A 72 26.22 -10.13 15.26
CA ILE A 72 24.83 -10.40 15.61
C ILE A 72 24.65 -10.97 16.98
N GLN A 73 25.35 -12.07 17.31
CA GLN A 73 25.20 -12.60 18.67
C GLN A 73 25.53 -11.59 19.73
N ALA A 74 26.64 -10.88 19.58
CA ALA A 74 27.05 -9.97 20.65
C ALA A 74 25.94 -8.92 20.91
N VAL A 75 25.40 -8.35 19.83
CA VAL A 75 24.37 -7.30 19.91
C VAL A 75 23.10 -7.84 20.58
N LYS A 76 22.65 -9.04 20.15
CA LYS A 76 21.42 -9.64 20.68
C LYS A 76 21.53 -9.98 22.14
N ILE A 77 22.68 -10.52 22.55
CA ILE A 77 22.87 -10.89 23.95
C ILE A 77 22.94 -9.63 24.82
N PHE A 78 23.57 -8.55 24.30
CA PHE A 78 23.66 -7.26 24.99
C PHE A 78 22.27 -6.71 25.25
N LEU A 79 21.46 -6.70 24.21
CA LEU A 79 20.12 -6.07 24.33
C LEU A 79 19.28 -6.95 25.26
N GLU A 80 19.35 -8.25 25.07
CA GLU A 80 18.65 -9.13 26.01
C GLU A 80 19.14 -8.95 27.47
N SER A 81 20.45 -8.90 27.69
CA SER A 81 20.98 -8.79 29.03
C SER A 81 20.45 -7.52 29.71
N HIS A 82 20.19 -6.49 28.91
CA HIS A 82 19.69 -5.19 29.47
C HIS A 82 18.18 -5.01 29.39
N GLY A 83 17.48 -6.07 28.99
CA GLY A 83 16.01 -6.08 28.89
C GLY A 83 15.46 -5.11 27.88
N ILE A 84 16.17 -4.95 26.76
CA ILE A 84 15.82 -3.96 25.73
C ILE A 84 15.22 -4.76 24.58
N SER A 85 13.95 -4.47 24.26
CA SER A 85 13.20 -5.28 23.28
C SER A 85 13.67 -4.94 21.89
N TYR A 86 13.76 -5.96 21.06
CA TYR A 86 14.08 -5.68 19.66
C TYR A 86 13.33 -6.68 18.78
N GLU A 87 13.18 -6.33 17.52
CA GLU A 87 12.74 -7.31 16.57
C GLU A 87 13.65 -7.28 15.37
N THR A 88 13.62 -8.36 14.61
CA THR A 88 14.47 -8.49 13.44
C THR A 88 13.60 -8.09 12.28
N MET A 89 13.86 -6.91 11.70
CA MET A 89 13.14 -6.45 10.51
C MET A 89 13.55 -7.22 9.24
N ILE A 90 14.86 -7.42 9.09
CA ILE A 90 15.42 -8.08 7.88
C ILE A 90 16.38 -9.19 8.35
N GLU A 91 16.11 -10.43 7.94
CA GLU A 91 16.98 -11.56 8.31
C GLU A 91 18.30 -11.70 7.55
N ASP A 92 18.32 -11.29 6.30
CA ASP A 92 19.47 -11.46 5.42
C ASP A 92 19.45 -10.34 4.44
N VAL A 93 20.20 -9.30 4.75
CA VAL A 93 20.25 -8.11 3.89
C VAL A 93 20.66 -8.48 2.44
N GLN A 94 21.60 -9.39 2.28
CA GLN A 94 22.06 -9.66 0.92
C GLN A 94 20.93 -10.24 0.05
N SER A 95 19.96 -10.91 0.66
CA SER A 95 18.89 -11.51 -0.15
C SER A 95 18.11 -10.39 -0.85
N LEU A 96 17.93 -9.26 -0.18
CA LEU A 96 17.23 -8.12 -0.73
C LEU A 96 18.00 -7.44 -1.85
N LEU A 97 19.32 -7.47 -1.76
CA LEU A 97 20.20 -6.80 -2.71
C LEU A 97 20.38 -7.64 -3.98
N ASP A 98 20.53 -8.96 -3.76
CA ASP A 98 20.60 -9.94 -4.84
C ASP A 98 19.32 -9.84 -5.67
N GLU A 99 18.17 -9.84 -4.98
CA GLU A 99 16.86 -9.55 -5.62
C GLU A 99 16.91 -8.20 -6.41
N GLU A 100 17.34 -7.14 -5.72
CA GLU A 100 17.45 -5.81 -6.32
C GLU A 100 18.33 -5.83 -7.60
N GLN A 101 19.53 -6.42 -7.47
CA GLN A 101 20.44 -6.63 -8.61
C GLN A 101 19.76 -7.45 -9.70
N GLU A 102 19.03 -8.50 -9.28
CA GLU A 102 18.39 -9.42 -10.24
C GLU A 102 17.29 -8.77 -11.07
N GLN A 103 16.45 -7.95 -10.46
CA GLN A 103 15.43 -7.37 -11.32
C GLN A 103 15.92 -6.11 -12.04
N MET A 104 17.06 -5.58 -11.60
CA MET A 104 17.77 -4.55 -12.40
C MET A 104 18.25 -5.09 -13.78
N PHE A 105 18.86 -6.28 -13.81
CA PHE A 105 19.30 -6.86 -15.09
C PHE A 105 18.21 -7.47 -16.01
N ARG A 112 16.56 4.98 -24.69
CA ARG A 112 15.93 5.06 -26.05
C ARG A 112 15.05 6.30 -26.32
N SER A 113 13.88 6.36 -25.67
CA SER A 113 13.20 7.62 -25.38
C SER A 113 12.66 7.58 -23.96
N THR A 114 12.22 8.72 -23.45
CA THR A 114 11.60 8.69 -22.11
C THR A 114 10.30 7.87 -22.06
N ASP A 115 9.59 7.68 -23.19
CA ASP A 115 8.43 6.78 -23.24
C ASP A 115 8.77 5.30 -23.05
N THR A 116 10.01 4.91 -23.35
CA THR A 116 10.37 3.48 -23.23
C THR A 116 11.34 3.29 -22.06
N PHE A 117 11.54 4.33 -21.28
CA PHE A 117 12.35 4.24 -20.08
C PHE A 117 11.61 3.37 -19.07
N ASN A 118 12.36 2.51 -18.36
CA ASN A 118 11.76 1.63 -17.34
C ASN A 118 11.72 2.33 -15.98
N TYR A 119 10.56 2.89 -15.67
CA TYR A 119 10.38 3.67 -14.43
C TYR A 119 10.21 2.77 -13.23
N ALA A 120 10.06 1.47 -13.50
CA ALA A 120 9.82 0.47 -12.45
C ALA A 120 11.06 -0.36 -12.13
N THR A 121 12.21 0.26 -12.27
CA THR A 121 13.46 -0.36 -11.82
C THR A 121 14.38 0.73 -11.35
N TYR A 122 15.45 0.31 -10.70
CA TYR A 122 16.42 1.30 -10.19
C TYR A 122 17.51 1.53 -11.24
N HIS A 123 17.95 2.78 -11.37
CA HIS A 123 18.95 3.13 -12.37
C HIS A 123 20.26 3.63 -11.74
N THR A 124 21.31 3.66 -12.55
CA THR A 124 22.66 4.18 -12.19
C THR A 124 22.72 5.68 -12.39
N LEU A 125 23.80 6.30 -11.93
CA LEU A 125 23.89 7.73 -12.10
C LEU A 125 23.92 8.08 -13.63
N GLU A 126 24.67 7.32 -14.42
CA GLU A 126 24.80 7.60 -15.86
C GLU A 126 23.43 7.46 -16.49
N GLU A 127 22.68 6.44 -16.07
CA GLU A 127 21.36 6.22 -16.69
C GLU A 127 20.42 7.38 -16.39
N ILE A 128 20.43 7.86 -15.13
CA ILE A 128 19.66 9.05 -14.76
C ILE A 128 20.07 10.28 -15.53
N TYR A 129 21.39 10.56 -15.64
CA TYR A 129 21.81 11.76 -16.35
C TYR A 129 21.49 11.70 -17.87
N ASP A 130 21.52 10.49 -18.44
CA ASP A 130 21.08 10.26 -19.82
C ASP A 130 19.58 10.54 -19.97
N PHE A 131 18.81 10.14 -18.94
CA PHE A 131 17.40 10.45 -18.87
C PHE A 131 17.15 11.96 -18.86
N LEU A 132 17.95 12.72 -18.09
CA LEU A 132 17.73 14.16 -18.06
C LEU A 132 17.83 14.75 -19.47
N ASP A 133 18.86 14.34 -20.23
CA ASP A 133 19.12 14.92 -21.58
C ASP A 133 18.02 14.49 -22.54
N LEU A 134 17.57 13.26 -22.46
CA LEU A 134 16.46 12.80 -23.28
C LEU A 134 15.22 13.64 -22.97
N LEU A 135 14.96 13.88 -21.70
CA LEU A 135 13.71 14.59 -21.34
C LEU A 135 13.75 16.04 -21.86
N VAL A 136 14.93 16.66 -21.78
CA VAL A 136 15.13 18.01 -22.30
C VAL A 136 14.97 18.03 -23.81
N ALA A 137 15.61 17.07 -24.48
CA ALA A 137 15.53 16.96 -25.94
C ALA A 137 14.08 16.82 -26.41
N GLU A 138 13.30 16.05 -25.68
CA GLU A 138 11.87 15.78 -26.06
C GLU A 138 10.90 16.85 -25.70
N ASN A 139 11.31 17.73 -24.78
CA ASN A 139 10.43 18.78 -24.25
C ASN A 139 11.13 20.12 -24.15
N PRO A 140 11.69 20.62 -25.27
CA PRO A 140 12.51 21.80 -25.20
C PRO A 140 11.71 23.05 -24.81
N HIS A 141 10.39 23.08 -24.98
CA HIS A 141 9.69 24.30 -24.56
C HIS A 141 9.26 24.35 -23.12
N LEU A 142 9.45 23.21 -22.46
CA LEU A 142 9.08 23.12 -21.08
C LEU A 142 10.29 22.89 -20.15
N VAL A 143 11.22 22.09 -20.58
CA VAL A 143 12.22 21.54 -19.65
C VAL A 143 13.63 21.97 -20.08
N SER A 144 14.45 22.44 -19.11
CA SER A 144 15.85 22.68 -19.36
C SER A 144 16.65 22.10 -18.25
N LYS A 145 17.93 21.97 -18.52
CA LYS A 145 18.81 21.40 -17.49
C LYS A 145 19.78 22.52 -17.06
N ILE A 146 19.91 22.66 -15.76
CA ILE A 146 20.82 23.62 -15.13
C ILE A 146 21.89 22.86 -14.33
N GLN A 147 23.11 23.37 -14.32
CA GLN A 147 24.16 22.77 -13.50
C GLN A 147 24.42 23.76 -12.34
N ILE A 148 24.28 23.28 -11.12
CA ILE A 148 24.39 24.18 -9.98
C ILE A 148 25.71 23.98 -9.29
N GLY A 149 26.48 22.98 -9.70
CA GLY A 149 27.87 22.87 -9.18
C GLY A 149 28.54 21.64 -9.67
N ASN A 150 29.67 21.33 -9.05
CA ASN A 150 30.28 20.02 -9.25
C ASN A 150 30.51 19.43 -7.86
N THR A 151 30.38 18.09 -7.77
CA THR A 151 30.49 17.43 -6.46
C THR A 151 31.97 17.45 -5.98
N TYR A 152 32.18 17.04 -4.74
CA TYR A 152 33.56 16.86 -4.20
C TYR A 152 34.49 16.13 -5.16
N GLU A 153 33.98 15.04 -5.76
CA GLU A 153 34.77 14.23 -6.71
C GLU A 153 34.72 14.72 -8.17
N GLY A 154 34.02 15.81 -8.41
CA GLY A 154 34.09 16.50 -9.72
C GLY A 154 32.88 16.26 -10.64
N ARG A 155 31.88 15.49 -10.17
CA ARG A 155 30.73 15.17 -11.03
C ARG A 155 29.85 16.40 -11.12
N PRO A 156 29.23 16.63 -12.28
CA PRO A 156 28.31 17.74 -12.40
C PRO A 156 27.03 17.49 -11.53
N ILE A 157 26.48 18.56 -10.97
CA ILE A 157 25.21 18.50 -10.23
C ILE A 157 24.17 19.18 -11.03
N TYR A 158 23.09 18.46 -11.38
CA TYR A 158 22.14 18.98 -12.33
C TYR A 158 20.75 19.16 -11.74
N VAL A 159 20.09 20.25 -12.15
CA VAL A 159 18.69 20.49 -11.75
C VAL A 159 17.87 20.60 -12.99
N LEU A 160 16.65 20.03 -13.00
CA LEU A 160 15.78 20.24 -14.15
C LEU A 160 14.88 21.41 -13.80
N LYS A 161 14.77 22.33 -14.76
CA LYS A 161 13.90 23.50 -14.58
C LYS A 161 12.70 23.33 -15.49
N PHE A 162 11.48 23.38 -14.94
CA PHE A 162 10.26 23.26 -15.74
C PHE A 162 9.62 24.64 -15.68
N SER A 163 9.44 25.25 -16.84
CA SER A 163 9.00 26.64 -16.82
C SER A 163 8.28 26.94 -18.12
N THR A 164 7.26 27.80 -18.07
CA THR A 164 6.56 28.20 -19.29
C THR A 164 6.93 29.62 -19.69
N GLY A 165 7.94 30.21 -19.04
CA GLY A 165 8.38 31.62 -19.34
C GLY A 165 8.66 32.48 -18.13
N GLY A 166 8.65 33.80 -18.30
CA GLY A 166 9.13 34.70 -17.24
C GLY A 166 10.66 34.64 -17.07
N SER A 167 11.18 35.36 -16.08
CA SER A 167 12.48 34.97 -15.52
C SER A 167 12.37 35.12 -14.01
N LYS A 168 12.95 34.17 -13.30
CA LYS A 168 12.84 34.11 -11.84
C LYS A 168 11.33 34.34 -11.41
N ARG A 169 10.44 33.59 -12.05
CA ARG A 169 9.10 33.41 -11.53
C ARG A 169 9.16 32.76 -10.17
N PRO A 170 8.13 32.99 -9.35
CA PRO A 170 8.06 32.22 -8.12
C PRO A 170 8.15 30.72 -8.41
N ALA A 171 8.78 29.97 -7.52
CA ALA A 171 9.20 28.62 -7.93
C ALA A 171 9.04 27.62 -6.81
N ILE A 172 8.85 26.38 -7.23
CA ILE A 172 8.83 25.23 -6.31
C ILE A 172 10.11 24.48 -6.56
N TRP A 173 10.80 24.16 -5.48
CA TRP A 173 12.01 23.38 -5.48
C TRP A 173 11.69 22.00 -4.87
N ILE A 174 12.09 20.93 -5.57
CA ILE A 174 11.96 19.59 -5.04
C ILE A 174 13.33 18.91 -5.19
N ASP A 175 13.85 18.29 -4.14
CA ASP A 175 15.08 17.48 -4.29
C ASP A 175 14.87 16.08 -3.78
N THR A 176 15.55 15.11 -4.43
CA THR A 176 15.52 13.72 -3.97
C THR A 176 16.96 13.28 -3.90
N GLY A 177 17.20 12.19 -3.20
CA GLY A 177 18.51 11.55 -3.13
C GLY A 177 19.62 12.34 -2.45
N ILE A 178 19.32 13.28 -1.56
CA ILE A 178 20.40 13.92 -0.84
C ILE A 178 21.18 12.83 -0.02
N HIS A 179 20.46 11.83 0.47
CA HIS A 179 21.12 10.63 0.99
C HIS A 179 21.12 9.55 -0.05
N SER A 180 22.32 9.13 -0.43
CA SER A 180 22.45 8.28 -1.62
C SER A 180 21.75 6.93 -1.58
N ARG A 181 21.67 6.31 -0.41
CA ARG A 181 21.12 4.95 -0.34
C ARG A 181 19.59 4.92 -0.42
N GLU A 182 18.96 6.09 -0.37
CA GLU A 182 17.49 6.16 -0.39
C GLU A 182 16.93 6.12 -1.80
N TRP A 183 17.18 4.96 -2.43
CA TRP A 183 17.04 4.81 -3.88
C TRP A 183 15.62 5.06 -4.38
N VAL A 184 14.61 4.77 -3.56
CA VAL A 184 13.25 5.04 -4.01
C VAL A 184 13.00 6.55 -4.26
N THR A 185 13.78 7.43 -3.63
CA THR A 185 13.60 8.86 -3.79
C THR A 185 14.14 9.31 -5.18
N GLN A 186 15.35 8.88 -5.62
CA GLN A 186 15.85 9.26 -6.97
C GLN A 186 14.91 8.64 -8.01
N ALA A 187 14.49 7.41 -7.75
CA ALA A 187 13.62 6.68 -8.69
C ALA A 187 12.24 7.42 -8.81
N SER A 188 11.73 7.96 -7.69
CA SER A 188 10.48 8.79 -7.69
C SER A 188 10.74 10.13 -8.43
N GLY A 189 11.93 10.70 -8.25
CA GLY A 189 12.31 11.95 -8.92
C GLY A 189 12.28 11.80 -10.43
N VAL A 190 12.81 10.69 -10.91
CA VAL A 190 12.80 10.39 -12.35
C VAL A 190 11.33 10.32 -12.80
N TRP A 191 10.49 9.61 -12.03
CA TRP A 191 9.09 9.48 -12.37
C TRP A 191 8.40 10.87 -12.35
N PHE A 192 8.62 11.64 -11.29
CA PHE A 192 8.02 12.99 -11.25
C PHE A 192 8.41 13.81 -12.49
N ALA A 193 9.68 13.75 -12.93
CA ALA A 193 10.08 14.55 -14.08
C ALA A 193 9.28 14.14 -15.32
N LYS A 194 9.14 12.85 -15.55
CA LYS A 194 8.36 12.38 -16.70
C LYS A 194 6.87 12.81 -16.54
N LYS A 195 6.34 12.67 -15.32
CA LYS A 195 4.94 12.97 -15.07
C LYS A 195 4.65 14.41 -15.40
N ILE A 196 5.53 15.29 -14.97
CA ILE A 196 5.33 16.72 -15.24
C ILE A 196 5.19 16.91 -16.77
N THR A 197 6.06 16.27 -17.55
CA THR A 197 5.98 16.46 -19.01
C THR A 197 4.75 15.81 -19.61
N GLN A 198 4.21 14.79 -18.95
CA GLN A 198 3.03 14.14 -19.51
C GLN A 198 1.82 15.05 -19.26
N ASP A 199 1.80 15.69 -18.10
CA ASP A 199 0.57 16.33 -17.65
C ASP A 199 0.49 17.78 -18.04
N TYR A 200 1.61 18.44 -18.13
CA TYR A 200 1.63 19.81 -18.68
C TYR A 200 0.95 19.89 -20.06
N GLY A 201 -0.07 20.76 -20.21
CA GLY A 201 -0.82 20.96 -21.47
C GLY A 201 -1.94 19.93 -21.61
N GLN A 202 -2.04 19.03 -20.62
CA GLN A 202 -3.00 17.91 -20.73
C GLN A 202 -3.93 17.93 -19.53
N ASP A 203 -3.38 17.95 -18.32
CA ASP A 203 -4.21 18.03 -17.09
C ASP A 203 -4.23 19.50 -16.71
N ALA A 204 -5.38 20.15 -16.82
CA ALA A 204 -5.46 21.60 -16.62
C ALA A 204 -5.04 22.03 -15.21
N ALA A 205 -5.37 21.25 -14.18
CA ALA A 205 -5.07 21.71 -12.85
C ALA A 205 -3.56 21.77 -12.66
N PHE A 206 -2.83 20.78 -13.19
CA PHE A 206 -1.39 20.85 -13.21
C PHE A 206 -0.80 21.92 -14.13
N THR A 207 -1.29 22.03 -15.37
CA THR A 207 -0.99 23.16 -16.27
C THR A 207 -1.10 24.52 -15.55
N ALA A 208 -2.14 24.70 -14.72
CA ALA A 208 -2.29 25.98 -14.01
C ALA A 208 -1.11 26.30 -13.04
N ILE A 209 -0.52 25.26 -12.46
CA ILE A 209 0.63 25.46 -11.61
C ILE A 209 1.77 26.01 -12.43
N LEU A 210 2.10 25.32 -13.54
CA LEU A 210 3.28 25.70 -14.33
C LEU A 210 3.07 26.95 -15.16
N ASP A 211 1.84 27.39 -15.32
CA ASP A 211 1.63 28.61 -16.12
C ASP A 211 1.94 29.86 -15.28
N THR A 212 2.15 29.66 -13.97
CA THR A 212 2.42 30.75 -13.02
C THR A 212 3.76 30.59 -12.28
N LEU A 213 4.10 29.34 -11.92
CA LEU A 213 5.26 28.98 -11.07
C LEU A 213 6.20 28.18 -11.94
N ASP A 214 7.50 28.33 -11.67
CA ASP A 214 8.50 27.35 -12.14
C ASP A 214 8.68 26.17 -11.16
N ILE A 215 9.10 25.02 -11.69
CA ILE A 215 9.46 23.91 -10.80
C ILE A 215 10.92 23.57 -11.07
N PHE A 216 11.73 23.47 -10.01
CA PHE A 216 13.07 22.96 -10.10
C PHE A 216 13.14 21.60 -9.40
N LEU A 217 13.75 20.62 -10.05
CA LEU A 217 13.78 19.27 -9.53
C LEU A 217 15.20 18.78 -9.59
N GLU A 218 15.74 18.48 -8.43
CA GLU A 218 17.11 17.95 -8.33
C GLU A 218 16.99 16.48 -7.97
N ILE A 219 17.19 15.61 -8.96
CA ILE A 219 16.90 14.20 -8.77
C ILE A 219 18.02 13.52 -8.08
N VAL A 220 19.27 13.83 -8.45
CA VAL A 220 20.37 13.20 -7.74
C VAL A 220 21.11 14.30 -6.99
N THR A 221 20.74 14.47 -5.74
CA THR A 221 21.26 15.61 -4.98
C THR A 221 22.67 15.29 -4.41
N ASN A 222 23.04 14.03 -4.32
CA ASN A 222 24.40 13.60 -3.84
C ASN A 222 24.97 12.60 -4.88
N PRO A 223 25.48 13.11 -6.03
CA PRO A 223 25.91 12.17 -7.08
C PRO A 223 27.08 11.29 -6.68
N ASP A 224 28.01 11.80 -5.84
CA ASP A 224 29.15 10.96 -5.47
C ASP A 224 28.67 9.78 -4.62
N GLY A 225 27.77 10.02 -3.67
CA GLY A 225 27.30 8.94 -2.74
C GLY A 225 26.51 7.97 -3.63
N PHE A 226 25.73 8.52 -4.59
CA PHE A 226 24.91 7.63 -5.44
C PHE A 226 25.73 6.70 -6.26
N ALA A 227 26.74 7.27 -6.92
CA ALA A 227 27.70 6.46 -7.70
C ALA A 227 28.30 5.38 -6.78
N PHE A 228 28.65 5.77 -5.55
CA PHE A 228 29.23 4.87 -4.53
C PHE A 228 28.27 3.78 -4.07
N THR A 229 26.97 4.08 -4.04
CA THR A 229 26.00 3.01 -3.72
C THR A 229 25.90 1.94 -4.81
N HIS A 230 26.23 2.31 -6.06
CA HIS A 230 26.24 1.32 -7.14
C HIS A 230 27.57 0.63 -7.23
N SER A 231 28.66 1.35 -7.04
CA SER A 231 29.99 0.79 -7.35
C SER A 231 30.57 0.00 -6.18
N THR A 232 30.22 0.42 -4.95
CA THR A 232 30.96 -0.01 -3.78
C THR A 232 30.17 -0.46 -2.56
N ASN A 233 29.21 0.36 -2.15
CA ASN A 233 28.53 0.11 -0.89
C ASN A 233 27.10 0.60 -0.97
N ARG A 234 26.18 -0.33 -1.13
CA ARG A 234 24.73 -0.01 -1.32
C ARG A 234 24.21 0.78 -0.13
N MET A 235 24.90 0.69 1.02
CA MET A 235 24.40 1.31 2.26
C MET A 235 24.98 2.70 2.51
N TRP A 236 25.64 3.29 1.50
CA TRP A 236 26.25 4.59 1.68
C TRP A 236 25.24 5.74 1.75
N ARG A 237 25.38 6.60 2.75
CA ARG A 237 24.40 7.70 3.04
C ARG A 237 24.94 9.07 2.74
N LYS A 238 26.23 9.25 3.02
CA LYS A 238 26.77 10.61 3.18
C LYS A 238 27.36 11.09 1.89
N THR A 239 28.01 12.25 1.91
CA THR A 239 28.83 12.69 0.77
C THR A 239 30.11 11.85 0.74
N ARG A 240 31.03 12.19 -0.17
CA ARG A 240 32.28 11.44 -0.22
C ARG A 240 33.45 12.30 0.03
N SER A 241 33.25 13.44 0.76
CA SER A 241 34.40 14.28 1.13
C SER A 241 35.37 13.57 2.12
N HIS A 242 36.65 13.80 1.94
CA HIS A 242 37.64 13.30 2.90
C HIS A 242 37.82 14.23 4.05
N THR A 243 38.01 13.66 5.22
CA THR A 243 38.09 14.43 6.42
C THR A 243 39.54 14.31 6.93
N ALA A 244 40.26 15.43 6.98
CA ALA A 244 41.68 15.42 7.47
C ALA A 244 41.94 14.56 8.76
N GLY A 245 42.87 13.60 8.68
CA GLY A 245 43.26 12.76 9.83
C GLY A 245 42.14 11.86 10.41
N SER A 246 41.23 11.42 9.54
CA SER A 246 40.22 10.42 9.91
C SER A 246 40.18 9.45 8.76
N LEU A 247 39.97 8.18 9.07
CA LEU A 247 39.80 7.17 8.02
C LEU A 247 38.38 7.22 7.48
N CYS A 248 37.48 7.87 8.22
CA CYS A 248 36.07 7.91 7.84
C CYS A 248 35.79 9.01 6.84
N ILE A 249 34.92 8.71 5.89
CA ILE A 249 34.67 9.57 4.76
C ILE A 249 33.25 10.09 4.82
N GLY A 250 33.10 11.36 4.40
CA GLY A 250 31.77 11.87 4.11
C GLY A 250 31.10 12.62 5.25
N VAL A 251 30.15 13.47 4.88
CA VAL A 251 29.41 14.31 5.84
C VAL A 251 27.96 14.03 5.55
N ASP A 252 27.14 14.02 6.58
CA ASP A 252 25.71 13.90 6.38
C ASP A 252 25.21 15.23 5.80
N PRO A 253 24.85 15.28 4.50
CA PRO A 253 24.37 16.58 3.98
C PRO A 253 23.09 17.10 4.66
N ASN A 254 22.34 16.23 5.34
CA ASN A 254 21.18 16.70 6.07
C ASN A 254 21.41 17.08 7.51
N ARG A 255 22.70 17.30 7.84
CA ARG A 255 23.06 17.96 9.09
C ARG A 255 24.03 19.09 8.82
N ASN A 256 24.24 19.43 7.54
CA ASN A 256 25.26 20.40 7.18
C ASN A 256 24.73 21.83 6.87
N TRP A 257 23.45 22.12 7.15
CA TRP A 257 22.85 23.41 6.82
C TRP A 257 23.01 24.39 8.01
N ASP A 258 23.03 25.67 7.69
CA ASP A 258 23.39 26.70 8.67
C ASP A 258 22.22 27.21 9.44
N ALA A 259 21.57 26.36 10.19
CA ALA A 259 20.43 26.79 11.00
C ALA A 259 20.41 25.75 12.09
N GLY A 260 20.57 26.15 13.34
CA GLY A 260 20.50 25.12 14.38
C GLY A 260 21.62 24.12 14.30
N PHE A 261 22.74 24.50 13.70
CA PHE A 261 23.86 23.54 13.46
C PHE A 261 24.45 23.19 14.81
N GLY A 262 24.81 21.93 15.00
CA GLY A 262 25.48 21.63 16.27
C GLY A 262 25.25 20.22 16.72
N LEU A 263 25.48 19.97 18.00
CA LEU A 263 25.61 18.61 18.53
C LEU A 263 24.33 18.05 19.11
N SER A 264 23.28 18.88 19.20
CA SER A 264 21.99 18.42 19.68
C SER A 264 21.22 18.01 18.46
N GLY A 265 21.56 16.85 17.95
CA GLY A 265 20.87 16.35 16.80
C GLY A 265 21.78 16.04 15.63
N ALA A 266 23.11 16.00 15.85
CA ALA A 266 24.07 15.58 14.85
C ALA A 266 25.32 15.18 15.61
N SER A 267 26.32 14.69 14.90
CA SER A 267 27.55 14.20 15.51
C SER A 267 28.78 14.94 14.97
N SER A 268 29.76 15.14 15.85
CA SER A 268 31.05 15.69 15.48
C SER A 268 32.04 14.60 15.11
N ASN A 269 31.59 13.33 15.23
CA ASN A 269 32.44 12.14 14.92
C ASN A 269 32.35 11.86 13.39
N PRO A 270 33.48 12.00 12.66
CA PRO A 270 33.50 11.74 11.21
C PRO A 270 32.97 10.36 10.74
N CYS A 271 33.04 9.39 11.64
CA CYS A 271 32.59 8.04 11.36
C CYS A 271 31.10 7.91 11.51
N SER A 272 30.44 8.92 12.11
CA SER A 272 28.96 8.84 12.30
C SER A 272 28.20 8.98 11.00
N GLU A 273 27.03 8.33 10.90
CA GLU A 273 26.13 8.52 9.78
C GLU A 273 25.57 9.97 9.78
N THR A 274 25.62 10.65 10.92
CA THR A 274 25.02 11.98 11.08
C THR A 274 26.12 13.00 11.39
N TYR A 275 27.35 12.67 11.02
CA TYR A 275 28.48 13.62 11.12
C TYR A 275 28.11 14.90 10.36
N HIS A 276 28.21 16.04 11.03
CA HIS A 276 27.70 17.33 10.39
C HIS A 276 28.77 18.11 9.63
N GLY A 277 29.99 17.57 9.61
CA GLY A 277 31.13 18.23 9.02
C GLY A 277 31.72 19.27 9.99
N LYS A 278 32.75 19.95 9.59
CA LYS A 278 33.41 20.94 10.49
C LYS A 278 32.61 22.22 10.70
N PHE A 279 31.83 22.60 9.69
CA PHE A 279 31.06 23.82 9.71
C PHE A 279 29.94 23.71 8.66
N ALA A 280 28.92 24.54 8.81
CA ALA A 280 27.78 24.53 7.91
C ALA A 280 28.18 24.89 6.48
N ASN A 281 27.55 24.19 5.53
CA ASN A 281 27.83 24.34 4.10
C ASN A 281 29.25 23.92 3.73
N SER A 282 29.89 23.07 4.55
CA SER A 282 31.19 22.61 4.16
C SER A 282 31.07 21.73 2.89
N GLU A 283 29.94 21.06 2.71
CA GLU A 283 29.76 20.18 1.54
C GLU A 283 29.28 20.97 0.33
N VAL A 284 30.04 20.88 -0.74
CA VAL A 284 29.70 21.58 -1.97
C VAL A 284 28.31 21.16 -2.43
N GLU A 285 27.88 19.94 -2.15
CA GLU A 285 26.54 19.56 -2.64
C GLU A 285 25.45 20.37 -1.94
N VAL A 286 25.72 20.79 -0.71
CA VAL A 286 24.80 21.64 0.05
C VAL A 286 24.96 23.10 -0.31
N LYS A 287 26.19 23.56 -0.25
CA LYS A 287 26.48 24.96 -0.70
C LYS A 287 25.96 25.25 -2.12
N SER A 288 25.99 24.29 -3.05
CA SER A 288 25.47 24.55 -4.43
C SER A 288 23.99 24.92 -4.37
N ILE A 289 23.28 24.25 -3.49
CA ILE A 289 21.81 24.50 -3.39
C ILE A 289 21.59 25.86 -2.67
N VAL A 290 22.31 26.06 -1.56
CA VAL A 290 22.24 27.34 -0.85
C VAL A 290 22.50 28.52 -1.84
N ASP A 291 23.58 28.41 -2.63
CA ASP A 291 23.92 29.52 -3.54
C ASP A 291 22.85 29.69 -4.58
N PHE A 292 22.32 28.55 -5.11
CA PHE A 292 21.22 28.62 -6.05
C PHE A 292 20.01 29.34 -5.49
N VAL A 293 19.55 28.87 -4.31
CA VAL A 293 18.36 29.45 -3.67
C VAL A 293 18.52 30.95 -3.41
N LYS A 294 19.70 31.34 -2.94
CA LYS A 294 19.89 32.73 -2.58
C LYS A 294 19.98 33.58 -3.83
N ASP A 295 20.65 33.02 -4.84
CA ASP A 295 20.79 33.77 -6.10
C ASP A 295 19.44 33.89 -6.84
N HIS A 296 18.62 32.84 -6.74
CA HIS A 296 17.32 32.86 -7.37
C HIS A 296 16.46 33.88 -6.65
N GLY A 297 16.31 33.71 -5.33
CA GLY A 297 15.65 34.64 -4.48
C GLY A 297 14.14 34.56 -4.40
N ASN A 298 13.52 33.72 -5.22
CA ASN A 298 12.04 33.72 -5.27
C ASN A 298 11.50 32.33 -5.21
N ILE A 299 12.16 31.49 -4.40
CA ILE A 299 11.64 30.13 -4.15
C ILE A 299 10.52 30.25 -3.13
N LYS A 300 9.34 29.72 -3.46
CA LYS A 300 8.17 29.80 -2.62
C LYS A 300 7.80 28.49 -1.90
N ALA A 301 8.30 27.34 -2.40
CA ALA A 301 8.10 26.03 -1.75
C ALA A 301 9.40 25.27 -1.93
N PHE A 302 9.84 24.60 -0.91
CA PHE A 302 11.08 23.86 -0.98
C PHE A 302 10.80 22.54 -0.28
N ILE A 303 10.88 21.44 -1.06
CA ILE A 303 10.52 20.11 -0.57
C ILE A 303 11.68 19.20 -0.74
N SER A 304 12.16 18.64 0.36
CA SER A 304 13.32 17.76 0.31
C SER A 304 12.88 16.35 0.68
N ILE A 305 13.17 15.39 -0.20
CA ILE A 305 12.60 14.08 -0.10
C ILE A 305 13.61 12.96 0.28
N HIS A 306 13.23 12.24 1.31
CA HIS A 306 14.02 11.17 1.88
C HIS A 306 13.18 9.89 1.94
N SER A 307 13.86 8.78 2.22
CA SER A 307 13.15 7.63 2.77
C SER A 307 13.99 7.14 3.99
N TYR A 308 13.40 6.38 4.91
CA TYR A 308 12.00 5.88 4.93
C TYR A 308 11.34 6.36 6.27
N SER A 309 10.03 6.09 6.43
CA SER A 309 9.24 6.22 7.69
C SER A 309 7.82 6.70 7.46
N GLN A 310 7.54 7.16 6.23
CA GLN A 310 6.19 7.66 5.84
C GLN A 310 5.73 8.88 6.70
N LEU A 311 6.40 10.01 6.50
CA LEU A 311 6.22 11.23 7.27
C LEU A 311 6.16 12.39 6.34
N LEU A 312 5.35 13.37 6.66
CA LEU A 312 5.50 14.64 5.97
C LEU A 312 5.70 15.66 7.11
N MET A 313 6.76 16.45 7.03
CA MET A 313 7.22 17.31 8.14
C MET A 313 7.50 18.73 7.72
N TYR A 314 7.27 19.67 8.67
CA TYR A 314 7.60 21.05 8.42
C TYR A 314 8.56 21.45 9.55
N PRO A 315 9.07 22.71 9.54
CA PRO A 315 10.09 23.02 10.55
C PRO A 315 9.45 23.11 11.94
N TYR A 316 10.26 23.03 13.02
CA TYR A 316 11.72 22.93 13.00
C TYR A 316 12.11 21.53 13.49
N GLY A 317 13.30 21.13 13.06
CA GLY A 317 14.01 19.98 13.56
C GLY A 317 14.84 20.32 14.81
N TYR A 318 15.43 21.54 14.84
CA TYR A 318 16.47 21.75 15.88
C TYR A 318 15.94 22.22 17.24
N LYS A 319 14.71 22.70 17.27
CA LYS A 319 14.14 23.25 18.49
C LYS A 319 12.65 23.02 18.53
N THR A 320 12.11 23.00 19.74
CA THR A 320 10.69 22.71 19.94
C THR A 320 9.74 23.89 19.69
N GLU A 321 10.24 25.11 19.61
CA GLU A 321 9.37 26.27 19.38
C GLU A 321 8.68 26.11 18.01
N PRO A 322 7.35 26.29 17.94
CA PRO A 322 6.67 26.25 16.64
C PRO A 322 7.12 27.37 15.69
N VAL A 323 7.17 27.03 14.40
CA VAL A 323 7.22 28.00 13.40
C VAL A 323 5.99 28.98 13.46
N PRO A 324 6.17 30.26 13.09
CA PRO A 324 5.04 31.17 13.18
C PRO A 324 3.90 30.77 12.22
N ASP A 325 4.20 29.98 11.18
CA ASP A 325 3.20 29.57 10.24
C ASP A 325 2.70 28.13 10.57
N GLN A 326 2.75 27.73 11.83
CA GLN A 326 2.58 26.30 12.13
C GLN A 326 1.16 25.89 11.79
N ASP A 327 0.17 26.73 12.14
CA ASP A 327 -1.17 26.23 11.91
C ASP A 327 -1.38 25.93 10.46
N GLU A 328 -0.95 26.86 9.63
CA GLU A 328 -1.20 26.73 8.18
C GLU A 328 -0.43 25.56 7.61
N LEU A 329 0.82 25.42 8.02
CA LEU A 329 1.58 24.30 7.52
C LEU A 329 1.04 22.96 8.04
N ASP A 330 0.55 22.92 9.27
CA ASP A 330 -0.04 21.69 9.76
C ASP A 330 -1.31 21.31 8.97
N GLN A 331 -2.15 22.31 8.68
CA GLN A 331 -3.38 22.01 7.93
C GLN A 331 -3.01 21.54 6.52
N LEU A 332 -2.01 22.15 5.92
CA LEU A 332 -1.62 21.82 4.58
C LEU A 332 -1.06 20.40 4.65
N SER A 333 -0.23 20.10 5.66
CA SER A 333 0.31 18.70 5.81
C SER A 333 -0.81 17.68 5.93
N LYS A 334 -1.84 18.00 6.69
CA LYS A 334 -2.94 17.07 6.83
C LYS A 334 -3.65 16.82 5.46
N ALA A 335 -3.90 17.89 4.69
CA ALA A 335 -4.51 17.73 3.35
C ALA A 335 -3.60 16.89 2.44
N ALA A 336 -2.29 17.11 2.53
CA ALA A 336 -1.36 16.47 1.63
C ALA A 336 -1.27 14.94 1.94
N VAL A 337 -1.28 14.56 3.24
CA VAL A 337 -1.18 13.12 3.55
C VAL A 337 -2.51 12.46 3.26
N THR A 338 -3.62 13.23 3.37
CA THR A 338 -4.94 12.67 3.02
C THR A 338 -5.01 12.41 1.50
N ALA A 339 -4.43 13.33 0.71
CA ALA A 339 -4.38 13.14 -0.73
C ALA A 339 -3.52 11.92 -1.06
N LEU A 340 -2.36 11.85 -0.43
CA LEU A 340 -1.44 10.70 -0.63
C LEU A 340 -2.17 9.38 -0.35
N ALA A 341 -2.89 9.32 0.77
CA ALA A 341 -3.58 8.11 1.20
C ALA A 341 -4.74 7.76 0.30
N SER A 342 -5.19 8.68 -0.54
CA SER A 342 -6.36 8.44 -1.41
C SER A 342 -6.14 7.28 -2.38
N LEU A 343 -4.91 7.05 -2.83
CA LEU A 343 -4.69 6.11 -3.88
C LEU A 343 -4.61 4.71 -3.34
N TYR A 344 -3.73 4.50 -2.39
CA TYR A 344 -3.52 3.14 -1.80
C TYR A 344 -3.77 3.06 -0.32
N GLY A 345 -4.20 4.14 0.30
CA GLY A 345 -4.34 4.12 1.77
C GLY A 345 -3.06 4.13 2.59
N THR A 346 -1.90 4.45 1.99
CA THR A 346 -0.61 4.46 2.69
C THR A 346 -0.68 5.52 3.74
N LYS A 347 -0.35 5.20 5.00
CA LYS A 347 -0.56 6.12 6.16
C LYS A 347 0.73 6.88 6.43
N PHE A 348 0.68 8.19 6.30
CA PHE A 348 1.80 9.05 6.69
C PHE A 348 1.39 9.83 7.91
N ASN A 349 2.25 9.95 8.91
CA ASN A 349 2.04 10.93 9.95
C ASN A 349 2.66 12.25 9.56
N TYR A 350 2.31 13.30 10.30
CA TYR A 350 2.86 14.62 9.93
C TYR A 350 3.05 15.48 11.19
N GLY A 351 3.83 16.56 11.07
CA GLY A 351 4.13 17.42 12.21
C GLY A 351 5.45 18.10 11.99
N SER A 352 5.87 18.92 12.95
CA SER A 352 7.25 19.45 12.87
C SER A 352 8.21 18.25 12.83
N ILE A 353 9.40 18.48 12.30
CA ILE A 353 10.47 17.46 12.35
C ILE A 353 10.67 16.99 13.80
N ILE A 354 10.83 17.92 14.74
CA ILE A 354 11.21 17.50 16.09
C ILE A 354 10.10 16.65 16.77
N LYS A 355 8.85 16.91 16.42
CA LYS A 355 7.73 16.21 17.04
C LYS A 355 7.42 14.89 16.35
N ALA A 356 7.60 14.86 15.03
CA ALA A 356 7.17 13.74 14.20
C ALA A 356 8.23 12.67 14.08
N ILE A 357 9.51 13.06 14.18
CA ILE A 357 10.55 12.03 14.03
C ILE A 357 11.57 12.16 15.18
N TYR A 358 12.31 13.26 15.28
CA TYR A 358 13.30 13.52 16.38
C TYR A 358 13.99 14.83 16.20
N GLN A 359 14.74 15.24 17.21
CA GLN A 359 15.50 16.46 17.08
C GLN A 359 16.65 16.19 16.12
N ALA A 360 16.89 17.13 15.20
CA ALA A 360 17.99 17.07 14.28
C ALA A 360 18.50 18.47 14.06
N SER A 361 19.83 18.60 14.06
CA SER A 361 20.57 19.85 13.96
C SER A 361 21.05 20.05 12.54
N GLY A 362 20.75 21.18 11.95
CA GLY A 362 21.34 21.57 10.66
C GLY A 362 20.71 20.86 9.50
N SER A 363 19.41 20.54 9.59
CA SER A 363 18.74 19.84 8.49
C SER A 363 18.13 20.88 7.51
N THR A 364 17.86 20.48 6.28
CA THR A 364 17.59 21.43 5.18
C THR A 364 16.50 22.46 5.47
N ILE A 365 15.32 22.02 5.88
CA ILE A 365 14.19 22.95 5.87
C ILE A 365 14.20 23.94 7.03
N ASP A 366 14.98 23.65 8.06
CA ASP A 366 15.24 24.68 9.10
C ASP A 366 15.96 25.86 8.44
N TRP A 367 16.92 25.55 7.56
CA TRP A 367 17.58 26.64 6.85
C TRP A 367 16.68 27.35 5.81
N THR A 368 16.04 26.55 4.91
CA THR A 368 15.15 27.16 3.93
C THR A 368 14.02 28.04 4.56
N TYR A 369 13.39 27.56 5.63
CA TYR A 369 12.35 28.34 6.29
C TYR A 369 12.93 29.67 6.83
N SER A 370 14.14 29.61 7.40
CA SER A 370 14.83 30.76 7.94
C SER A 370 15.16 31.79 6.85
N GLN A 371 15.25 31.35 5.62
CA GLN A 371 15.49 32.26 4.51
C GLN A 371 14.20 32.90 4.04
N GLY A 372 13.06 32.51 4.61
CA GLY A 372 11.83 33.07 4.15
C GLY A 372 10.99 32.18 3.25
N ILE A 373 11.37 30.91 3.05
CA ILE A 373 10.57 30.01 2.18
C ILE A 373 9.54 29.38 3.08
N LYS A 374 8.34 29.95 3.05
CA LYS A 374 7.29 29.54 4.01
C LYS A 374 6.92 28.04 3.85
N TYR A 375 6.79 27.60 2.61
CA TYR A 375 6.27 26.24 2.38
C TYR A 375 7.49 25.34 2.25
N SER A 376 8.16 25.15 3.39
CA SER A 376 9.33 24.28 3.50
C SER A 376 8.92 22.96 4.13
N PHE A 377 9.09 21.85 3.39
CA PHE A 377 8.63 20.56 3.83
C PHE A 377 9.69 19.53 3.55
N THR A 378 9.65 18.48 4.35
CA THR A 378 10.45 17.35 4.07
C THR A 378 9.65 16.06 4.16
N PHE A 379 9.86 15.16 3.22
CA PHE A 379 9.07 13.90 3.16
C PHE A 379 10.01 12.75 3.55
N GLU A 380 9.46 11.73 4.20
CA GLU A 380 10.09 10.42 4.34
C GLU A 380 9.16 9.36 3.75
N LEU A 381 9.47 8.90 2.54
CA LEU A 381 8.56 8.03 1.80
C LEU A 381 8.55 6.60 2.40
N ARG A 382 8.00 5.64 1.67
CA ARG A 382 7.89 4.24 2.11
C ARG A 382 9.30 3.68 2.41
N ASP A 383 9.41 2.65 3.24
CA ASP A 383 8.23 2.06 3.97
C ASP A 383 8.40 2.43 5.47
N THR A 384 7.94 1.58 6.38
CA THR A 384 8.04 1.86 7.82
C THR A 384 9.00 0.89 8.48
N GLY A 385 9.87 0.33 7.67
CA GLY A 385 11.07 -0.38 8.15
C GLY A 385 11.22 -1.82 7.72
N ARG A 386 10.20 -2.41 7.12
CA ARG A 386 10.34 -3.80 6.70
C ARG A 386 11.49 -3.96 5.63
N TYR A 387 11.54 -3.05 4.68
CA TYR A 387 12.68 -2.99 3.75
C TYR A 387 13.58 -1.80 3.97
N GLY A 388 13.05 -0.75 4.58
CA GLY A 388 13.87 0.44 4.82
C GLY A 388 14.19 1.03 3.46
N PHE A 389 15.45 1.36 3.27
CA PHE A 389 15.80 1.98 2.01
C PHE A 389 16.06 0.92 0.94
N LEU A 390 15.96 -0.39 1.27
CA LEU A 390 16.08 -1.46 0.24
C LEU A 390 14.70 -1.83 -0.29
N LEU A 391 13.90 -0.83 -0.56
CA LEU A 391 12.54 -1.08 -1.04
C LEU A 391 12.54 -1.73 -2.43
N PRO A 392 11.71 -2.78 -2.61
CA PRO A 392 11.62 -3.50 -3.90
C PRO A 392 11.27 -2.51 -5.02
N ALA A 393 11.90 -2.69 -6.17
CA ALA A 393 11.65 -1.84 -7.34
C ALA A 393 10.17 -1.79 -7.70
N SER A 394 9.46 -2.86 -7.36
CA SER A 394 8.07 -2.97 -7.74
C SER A 394 7.24 -1.91 -6.99
N GLN A 395 7.82 -1.34 -5.93
CA GLN A 395 7.12 -0.29 -5.20
C GLN A 395 7.48 1.13 -5.63
N ILE A 396 8.42 1.26 -6.56
CA ILE A 396 8.80 2.61 -7.08
C ILE A 396 7.58 3.40 -7.55
N ILE A 397 6.79 2.81 -8.47
CA ILE A 397 5.75 3.60 -9.12
C ILE A 397 4.64 3.91 -8.13
N PRO A 398 4.15 2.92 -7.38
CA PRO A 398 3.17 3.27 -6.35
C PRO A 398 3.64 4.36 -5.37
N THR A 399 4.89 4.28 -4.91
CA THR A 399 5.46 5.32 -4.04
C THR A 399 5.40 6.68 -4.77
N ALA A 400 5.86 6.71 -6.04
CA ALA A 400 5.93 7.94 -6.76
C ALA A 400 4.54 8.50 -6.99
N LYS A 401 3.58 7.66 -7.39
CA LYS A 401 2.24 8.14 -7.66
C LYS A 401 1.61 8.74 -6.44
N GLU A 402 1.66 8.02 -5.32
CA GLU A 402 1.01 8.60 -4.11
C GLU A 402 1.73 9.89 -3.68
N THR A 403 3.05 9.91 -3.77
CA THR A 403 3.75 11.07 -3.28
C THR A 403 3.42 12.26 -4.14
N TRP A 404 3.27 12.02 -5.45
CA TRP A 404 2.92 13.13 -6.38
C TRP A 404 1.58 13.79 -5.98
N LEU A 405 0.63 12.99 -5.49
CA LEU A 405 -0.61 13.60 -5.03
C LEU A 405 -0.37 14.57 -3.84
N ALA A 406 0.53 14.22 -2.91
CA ALA A 406 0.88 15.12 -1.79
C ALA A 406 1.58 16.35 -2.38
N LEU A 407 2.51 16.13 -3.30
CA LEU A 407 3.22 17.30 -3.91
C LEU A 407 2.22 18.22 -4.63
N LEU A 408 1.25 17.62 -5.32
CA LEU A 408 0.27 18.47 -5.99
C LEU A 408 -0.44 19.34 -4.95
N THR A 409 -0.72 18.76 -3.79
CA THR A 409 -1.47 19.52 -2.73
C THR A 409 -0.65 20.70 -2.30
N ILE A 410 0.64 20.47 -2.11
CA ILE A 410 1.50 21.60 -1.69
C ILE A 410 1.62 22.64 -2.80
N MET A 411 1.75 22.19 -4.04
CA MET A 411 1.87 23.09 -5.16
C MET A 411 0.59 23.90 -5.41
N GLU A 412 -0.57 23.27 -5.29
CA GLU A 412 -1.85 24.01 -5.44
C GLU A 412 -1.92 25.08 -4.36
N HIS A 413 -1.51 24.73 -3.14
CA HIS A 413 -1.57 25.70 -2.10
C HIS A 413 -0.58 26.86 -2.39
N THR A 414 0.63 26.51 -2.86
CA THR A 414 1.60 27.53 -3.23
C THR A 414 1.06 28.46 -4.27
N LEU A 415 0.37 27.89 -5.26
CA LEU A 415 -0.26 28.64 -6.35
C LEU A 415 -1.42 29.51 -5.87
N ASN A 416 -2.37 28.91 -5.15
CA ASN A 416 -3.65 29.59 -4.94
C ASN A 416 -3.76 30.32 -3.64
N HIS A 417 -2.89 29.99 -2.70
CA HIS A 417 -3.00 30.43 -1.31
C HIS A 417 -1.59 30.91 -0.84
N PRO A 418 -0.91 31.81 -1.62
CA PRO A 418 0.50 32.15 -1.29
C PRO A 418 0.71 32.75 0.14
N LYS B 17 -32.09 1.31 -13.67
CA LYS B 17 -30.62 1.46 -13.51
C LYS B 17 -30.25 2.56 -12.53
N GLU B 18 -29.87 2.16 -11.33
CA GLU B 18 -29.43 3.02 -10.22
C GLU B 18 -28.29 3.97 -10.53
N ASP B 19 -28.45 5.22 -10.13
N ASP B 19 -28.48 5.23 -10.13
CA ASP B 19 -27.31 6.13 -10.11
CA ASP B 19 -27.41 6.23 -10.06
C ASP B 19 -27.16 6.57 -8.65
C ASP B 19 -27.18 6.58 -8.61
N PHE B 20 -26.02 7.16 -8.29
CA PHE B 20 -25.63 7.38 -6.90
C PHE B 20 -25.12 8.80 -6.70
N VAL B 21 -25.60 9.68 -7.57
CA VAL B 21 -25.22 11.08 -7.58
C VAL B 21 -25.46 11.72 -6.20
N GLY B 22 -24.42 12.34 -5.66
CA GLY B 22 -24.60 12.90 -4.32
C GLY B 22 -24.72 11.91 -3.17
N HIS B 23 -24.61 10.61 -3.42
CA HIS B 23 -24.53 9.64 -2.29
C HIS B 23 -23.18 9.74 -1.61
N GLN B 24 -23.14 9.63 -0.29
CA GLN B 24 -21.90 9.63 0.46
C GLN B 24 -21.68 8.31 1.18
N VAL B 25 -20.43 8.00 1.51
CA VAL B 25 -20.24 6.83 2.34
C VAL B 25 -19.65 7.36 3.60
N LEU B 26 -20.29 7.05 4.74
CA LEU B 26 -19.87 7.53 6.06
C LEU B 26 -19.17 6.45 6.84
N ARG B 27 -18.15 6.82 7.58
CA ARG B 27 -17.55 5.89 8.51
C ARG B 27 -17.84 6.26 9.94
N ILE B 28 -18.73 5.48 10.51
CA ILE B 28 -19.30 5.75 11.82
C ILE B 28 -18.59 4.97 12.92
N SER B 29 -18.20 5.70 13.96
CA SER B 29 -17.41 5.20 15.03
C SER B 29 -18.32 4.93 16.22
N VAL B 30 -18.14 3.77 16.86
CA VAL B 30 -19.02 3.38 17.98
C VAL B 30 -18.18 2.96 19.16
N ALA B 31 -18.27 3.74 20.25
CA ALA B 31 -17.34 3.59 21.38
C ALA B 31 -17.76 2.51 22.35
N ASP B 32 -19.05 2.30 22.48
CA ASP B 32 -19.53 1.34 23.45
C ASP B 32 -20.80 0.68 22.92
N GLU B 33 -21.25 -0.35 23.64
CA GLU B 33 -22.44 -1.10 23.25
C GLU B 33 -23.70 -0.22 23.01
N ALA B 34 -23.90 0.77 23.86
CA ALA B 34 -25.10 1.60 23.78
C ALA B 34 -25.17 2.35 22.44
N GLN B 35 -24.01 2.81 21.97
CA GLN B 35 -23.86 3.46 20.66
C GLN B 35 -24.14 2.55 19.46
N VAL B 36 -23.57 1.34 19.52
CA VAL B 36 -23.83 0.30 18.52
C VAL B 36 -25.35 0.20 18.33
N GLN B 37 -26.08 -0.02 19.42
CA GLN B 37 -27.56 -0.11 19.41
C GLN B 37 -28.26 1.06 18.72
N LYS B 38 -27.75 2.27 18.92
CA LYS B 38 -28.32 3.48 18.30
C LYS B 38 -28.19 3.46 16.77
N VAL B 39 -27.03 3.02 16.26
CA VAL B 39 -26.78 2.81 14.80
C VAL B 39 -27.62 1.65 14.25
N LYS B 40 -27.64 0.56 15.02
CA LYS B 40 -28.46 -0.60 14.72
C LYS B 40 -29.93 -0.22 14.61
N GLU B 41 -30.34 0.84 15.32
CA GLU B 41 -31.69 1.41 15.21
C GLU B 41 -32.00 2.06 13.87
N LEU B 42 -31.03 2.73 13.25
CA LEU B 42 -31.34 3.22 11.91
C LEU B 42 -31.06 2.21 10.79
N GLU B 43 -30.51 1.03 11.15
CA GLU B 43 -30.44 -0.13 10.25
C GLU B 43 -31.85 -0.65 10.00
N ASP B 44 -32.74 -0.36 10.97
CA ASP B 44 -34.15 -0.82 11.00
C ASP B 44 -35.07 0.00 10.11
N LEU B 45 -34.54 1.08 9.59
CA LEU B 45 -35.34 2.13 9.01
C LEU B 45 -35.35 2.10 7.48
N GLU B 46 -36.21 1.24 6.93
CA GLU B 46 -36.33 1.05 5.47
C GLU B 46 -36.39 2.34 4.67
N HIS B 47 -37.03 3.35 5.25
CA HIS B 47 -37.27 4.56 4.52
C HIS B 47 -35.95 5.31 4.30
N LEU B 48 -34.96 5.11 5.17
CA LEU B 48 -33.65 5.75 4.97
C LEU B 48 -32.88 5.21 3.74
N GLN B 49 -33.22 3.96 3.34
CA GLN B 49 -32.58 3.20 2.22
C GLN B 49 -31.06 3.18 2.31
N LEU B 50 -30.56 2.90 3.51
CA LEU B 50 -29.13 2.87 3.75
C LEU B 50 -28.57 1.62 3.11
N ASP B 51 -27.27 1.63 2.86
CA ASP B 51 -26.56 0.49 2.32
C ASP B 51 -25.28 0.34 3.14
N PHE B 52 -25.30 -0.54 4.13
CA PHE B 52 -24.13 -0.81 4.93
C PHE B 52 -23.07 -1.63 4.16
N TRP B 53 -21.88 -1.08 4.10
CA TRP B 53 -20.72 -1.74 3.51
C TRP B 53 -20.05 -2.55 4.56
N ARG B 54 -20.03 -2.03 5.79
CA ARG B 54 -19.50 -2.77 6.95
C ARG B 54 -20.50 -2.50 8.06
N GLY B 55 -21.35 -3.48 8.35
CA GLY B 55 -22.53 -3.26 9.22
C GLY B 55 -22.22 -3.08 10.69
N PRO B 56 -23.24 -2.71 11.50
CA PRO B 56 -23.04 -2.67 12.93
C PRO B 56 -22.52 -4.03 13.44
N ALA B 57 -21.47 -3.99 14.25
CA ALA B 57 -20.90 -5.20 14.82
C ALA B 57 -20.69 -4.97 16.31
N HIS B 58 -19.45 -5.05 16.76
CA HIS B 58 -19.09 -4.74 18.15
C HIS B 58 -18.61 -3.28 18.27
N PRO B 59 -18.29 -2.81 19.50
CA PRO B 59 -17.70 -1.47 19.62
C PRO B 59 -16.25 -1.44 19.20
N GLY B 60 -15.83 -0.37 18.53
CA GLY B 60 -14.46 -0.24 18.10
C GLY B 60 -14.28 -0.77 16.67
N SER B 61 -15.39 -1.23 16.05
CA SER B 61 -15.49 -1.76 14.66
C SER B 61 -16.22 -0.71 13.79
N PRO B 62 -15.46 -0.03 12.93
CA PRO B 62 -16.04 1.03 12.13
C PRO B 62 -17.24 0.56 11.35
N ILE B 63 -18.28 1.36 11.39
CA ILE B 63 -19.46 1.12 10.55
C ILE B 63 -19.36 1.95 9.27
N ASP B 64 -19.30 1.30 8.11
CA ASP B 64 -19.24 2.01 6.83
C ASP B 64 -20.61 1.94 6.15
N VAL B 65 -21.24 3.09 5.85
CA VAL B 65 -22.57 3.06 5.22
C VAL B 65 -22.75 4.08 4.06
N ARG B 66 -23.24 3.62 2.91
CA ARG B 66 -23.58 4.51 1.82
C ARG B 66 -24.94 5.10 2.13
N VAL B 67 -24.99 6.42 2.26
CA VAL B 67 -26.29 7.05 2.52
C VAL B 67 -26.71 7.89 1.38
N PRO B 68 -27.94 7.66 0.84
CA PRO B 68 -28.42 8.16 -0.45
C PRO B 68 -28.62 9.69 -0.42
N PHE B 69 -28.60 10.38 -1.58
CA PHE B 69 -28.62 11.87 -1.63
C PHE B 69 -29.79 12.48 -0.82
N PRO B 70 -31.03 11.98 -1.03
CA PRO B 70 -32.18 12.49 -0.25
C PRO B 70 -32.17 12.15 1.23
N SER B 71 -31.27 11.28 1.66
CA SER B 71 -31.30 10.82 3.06
C SER B 71 -30.12 11.36 3.88
N ILE B 72 -29.20 12.06 3.19
CA ILE B 72 -27.93 12.46 3.80
C ILE B 72 -28.17 13.41 4.94
N GLN B 73 -28.96 14.48 4.66
CA GLN B 73 -29.35 15.48 5.64
C GLN B 73 -29.95 14.80 6.85
N ALA B 74 -30.99 14.01 6.59
CA ALA B 74 -31.66 13.26 7.63
C ALA B 74 -30.68 12.43 8.50
N VAL B 75 -29.81 11.59 7.92
CA VAL B 75 -28.94 10.81 8.80
C VAL B 75 -27.83 11.68 9.45
N LYS B 76 -27.32 12.71 8.76
CA LYS B 76 -26.29 13.53 9.39
C LYS B 76 -26.86 14.13 10.70
N ILE B 77 -28.12 14.58 10.61
CA ILE B 77 -28.82 15.24 11.72
C ILE B 77 -29.06 14.23 12.87
N PHE B 78 -29.48 13.00 12.53
CA PHE B 78 -29.65 11.90 13.51
C PHE B 78 -28.40 11.60 14.33
N LEU B 79 -27.26 11.38 13.64
CA LEU B 79 -25.99 11.05 14.29
C LEU B 79 -25.52 12.16 15.25
N GLU B 80 -25.41 13.36 14.71
CA GLU B 80 -24.93 14.49 15.54
C GLU B 80 -25.77 14.61 16.83
N SER B 81 -27.09 14.71 16.68
CA SER B 81 -28.04 14.81 17.81
C SER B 81 -28.04 13.62 18.84
N HIS B 82 -27.13 12.67 18.66
CA HIS B 82 -27.00 11.54 19.55
C HIS B 82 -25.54 11.40 19.97
N GLY B 83 -24.72 12.33 19.49
CA GLY B 83 -23.28 12.37 19.79
C GLY B 83 -22.43 11.25 19.19
N ILE B 84 -22.92 10.61 18.13
CA ILE B 84 -22.12 9.55 17.48
C ILE B 84 -21.15 10.21 16.51
N SER B 85 -19.86 9.98 16.69
CA SER B 85 -18.89 10.63 15.85
C SER B 85 -18.70 9.81 14.60
N TYR B 86 -18.52 10.51 13.49
CA TYR B 86 -18.41 9.88 12.19
C TYR B 86 -17.53 10.74 11.29
N GLU B 87 -17.09 10.15 10.19
CA GLU B 87 -16.26 10.86 9.24
C GLU B 87 -16.86 10.55 7.85
N THR B 88 -16.69 11.46 6.90
CA THR B 88 -17.18 11.24 5.52
C THR B 88 -16.08 10.58 4.64
N MET B 89 -16.24 9.28 4.36
N MET B 89 -16.23 9.29 4.34
CA MET B 89 -15.23 8.51 3.62
CA MET B 89 -15.18 8.58 3.61
C MET B 89 -15.26 8.81 2.12
C MET B 89 -15.24 8.75 2.09
N ILE B 90 -16.44 8.78 1.51
CA ILE B 90 -16.64 9.03 0.06
C ILE B 90 -17.70 10.10 -0.19
N GLU B 91 -17.31 11.19 -0.88
CA GLU B 91 -18.17 12.36 -1.06
C GLU B 91 -19.20 12.25 -2.17
N ASP B 92 -18.88 11.52 -3.22
CA ASP B 92 -19.78 11.45 -4.37
C ASP B 92 -19.48 10.08 -4.87
N VAL B 93 -20.39 9.15 -4.59
CA VAL B 93 -20.25 7.76 -5.02
C VAL B 93 -20.24 7.69 -6.54
N GLN B 94 -21.05 8.54 -7.20
CA GLN B 94 -21.09 8.56 -8.66
C GLN B 94 -19.74 8.82 -9.28
N SER B 95 -18.94 9.66 -8.64
CA SER B 95 -17.66 10.06 -9.23
C SER B 95 -16.73 8.87 -9.36
N LEU B 96 -16.93 7.87 -8.52
CA LEU B 96 -16.09 6.69 -8.54
C LEU B 96 -16.56 5.71 -9.60
N LEU B 97 -17.78 5.91 -10.08
CA LEU B 97 -18.42 5.09 -11.11
C LEU B 97 -18.27 5.64 -12.49
N ASP B 98 -18.50 6.94 -12.62
CA ASP B 98 -18.23 7.69 -13.86
C ASP B 98 -16.73 7.53 -14.21
N GLU B 99 -15.90 7.54 -13.16
CA GLU B 99 -14.51 7.09 -13.21
C GLU B 99 -14.52 5.65 -13.79
N GLU B 100 -15.22 4.71 -13.12
CA GLU B 100 -15.42 3.30 -13.59
C GLU B 100 -16.03 3.22 -15.03
N GLN B 101 -17.33 3.52 -15.18
CA GLN B 101 -18.04 3.40 -16.49
C GLN B 101 -17.12 3.76 -17.67
N ARG B 112 -11.04 -12.22 -29.29
CA ARG B 112 -9.91 -12.82 -30.01
C ARG B 112 -9.21 -13.93 -29.23
N SER B 113 -8.52 -13.57 -28.13
CA SER B 113 -7.82 -14.59 -27.31
C SER B 113 -7.59 -14.11 -25.89
N THR B 114 -7.15 -15.03 -25.04
CA THR B 114 -6.86 -14.64 -23.66
C THR B 114 -5.59 -13.82 -23.62
N ASP B 115 -4.81 -13.88 -24.69
CA ASP B 115 -3.69 -12.95 -24.79
C ASP B 115 -4.09 -11.51 -24.97
N THR B 116 -5.21 -11.25 -25.63
CA THR B 116 -5.57 -9.86 -25.92
C THR B 116 -6.78 -9.37 -25.12
N PHE B 117 -7.24 -10.21 -24.21
CA PHE B 117 -8.20 -9.89 -23.21
C PHE B 117 -7.67 -8.77 -22.30
N ASN B 118 -8.55 -7.82 -21.97
CA ASN B 118 -8.13 -6.69 -21.21
C ASN B 118 -8.32 -6.99 -19.72
N TYR B 119 -7.23 -7.33 -19.04
CA TYR B 119 -7.30 -7.72 -17.60
C TYR B 119 -7.37 -6.51 -16.71
N ALA B 120 -7.17 -5.32 -17.25
CA ALA B 120 -7.18 -4.09 -16.45
C ALA B 120 -8.47 -3.35 -16.55
N THR B 121 -9.55 -4.04 -16.88
N THR B 121 -9.55 -4.03 -16.92
CA THR B 121 -10.86 -3.42 -16.89
CA THR B 121 -10.87 -3.44 -16.93
C THR B 121 -11.87 -4.40 -16.35
C THR B 121 -11.84 -4.39 -16.28
N TYR B 122 -13.01 -3.88 -15.90
CA TYR B 122 -14.03 -4.72 -15.36
C TYR B 122 -14.92 -5.24 -16.51
N HIS B 123 -15.32 -6.51 -16.42
CA HIS B 123 -16.13 -7.15 -17.43
C HIS B 123 -17.49 -7.51 -16.97
N THR B 124 -18.35 -7.82 -17.97
CA THR B 124 -19.70 -8.27 -17.74
C THR B 124 -19.72 -9.76 -17.52
N LEU B 125 -20.86 -10.28 -17.10
CA LEU B 125 -20.97 -11.74 -16.96
C LEU B 125 -20.66 -12.49 -18.27
N GLU B 126 -21.29 -12.08 -19.36
CA GLU B 126 -21.15 -12.78 -20.64
C GLU B 126 -19.68 -12.70 -21.10
N GLU B 127 -19.04 -11.55 -20.94
CA GLU B 127 -17.60 -11.43 -21.23
C GLU B 127 -16.75 -12.40 -20.44
N ILE B 128 -17.05 -12.56 -19.16
CA ILE B 128 -16.28 -13.51 -18.35
C ILE B 128 -16.57 -14.94 -18.78
N TYR B 129 -17.86 -15.28 -19.02
CA TYR B 129 -18.18 -16.62 -19.50
C TYR B 129 -17.55 -16.87 -20.88
N ASP B 130 -17.45 -15.83 -21.70
CA ASP B 130 -16.77 -16.05 -22.99
C ASP B 130 -15.29 -16.31 -22.77
N PHE B 131 -14.71 -15.59 -21.80
CA PHE B 131 -13.34 -15.81 -21.42
C PHE B 131 -13.13 -17.25 -21.00
N LEU B 132 -14.03 -17.83 -20.24
CA LEU B 132 -13.89 -19.21 -19.76
C LEU B 132 -13.70 -20.19 -20.96
N ASP B 133 -14.54 -20.02 -21.96
CA ASP B 133 -14.45 -20.86 -23.18
C ASP B 133 -13.16 -20.61 -23.96
N LEU B 134 -12.73 -19.36 -24.06
CA LEU B 134 -11.46 -19.02 -24.76
C LEU B 134 -10.27 -19.65 -24.03
N LEU B 135 -10.30 -19.64 -22.70
CA LEU B 135 -9.13 -20.13 -21.96
C LEU B 135 -9.06 -21.63 -22.06
N VAL B 136 -10.22 -22.26 -21.96
CA VAL B 136 -10.33 -23.71 -22.17
C VAL B 136 -9.91 -24.13 -23.60
N ALA B 137 -10.37 -23.40 -24.59
CA ALA B 137 -10.03 -23.69 -26.00
C ALA B 137 -8.49 -23.61 -26.24
N GLU B 138 -7.85 -22.65 -25.59
CA GLU B 138 -6.41 -22.42 -25.74
C GLU B 138 -5.57 -23.37 -24.93
N ASN B 139 -6.17 -24.04 -23.95
CA ASN B 139 -5.41 -24.87 -23.01
C ASN B 139 -6.12 -26.19 -22.70
N PRO B 140 -6.42 -26.97 -23.77
CA PRO B 140 -7.38 -28.03 -23.63
C PRO B 140 -6.92 -29.19 -22.75
N HIS B 141 -5.61 -29.36 -22.52
CA HIS B 141 -5.11 -30.45 -21.66
C HIS B 141 -4.87 -30.03 -20.21
N LEU B 142 -5.07 -28.77 -19.93
CA LEU B 142 -4.88 -28.33 -18.58
C LEU B 142 -6.17 -27.85 -17.93
N VAL B 143 -7.01 -27.21 -18.72
CA VAL B 143 -8.17 -26.44 -18.18
C VAL B 143 -9.48 -27.06 -18.72
N SER B 144 -10.47 -27.24 -17.86
CA SER B 144 -11.78 -27.69 -18.29
C SER B 144 -12.82 -26.92 -17.53
N LYS B 145 -13.99 -26.82 -18.16
CA LYS B 145 -15.09 -26.13 -17.52
C LYS B 145 -16.09 -27.16 -16.96
N ILE B 146 -16.58 -26.90 -15.74
CA ILE B 146 -17.57 -27.75 -15.10
C ILE B 146 -18.74 -26.92 -14.64
N GLN B 147 -19.95 -27.41 -14.80
CA GLN B 147 -21.10 -26.65 -14.37
C GLN B 147 -21.56 -27.32 -13.09
N ILE B 148 -21.54 -26.59 -11.95
CA ILE B 148 -21.91 -27.21 -10.67
C ILE B 148 -23.37 -26.93 -10.30
N GLY B 149 -24.09 -26.12 -11.10
CA GLY B 149 -25.53 -25.92 -10.82
C GLY B 149 -26.04 -24.78 -11.64
N ASN B 150 -27.18 -24.23 -11.25
CA ASN B 150 -27.75 -23.08 -11.88
C ASN B 150 -28.22 -22.14 -10.81
N THR B 151 -28.21 -20.84 -11.10
CA THR B 151 -28.55 -19.87 -10.11
C THR B 151 -30.06 -19.86 -9.92
N TYR B 152 -30.52 -19.15 -8.89
CA TYR B 152 -31.95 -18.97 -8.71
C TYR B 152 -32.65 -18.52 -10.01
N GLU B 153 -32.01 -17.63 -10.79
CA GLU B 153 -32.59 -17.15 -12.05
C GLU B 153 -32.28 -18.04 -13.26
N GLY B 154 -31.59 -19.14 -13.06
CA GLY B 154 -31.41 -20.18 -14.12
C GLY B 154 -30.05 -20.10 -14.83
N ARG B 155 -29.17 -19.18 -14.39
CA ARG B 155 -27.90 -19.04 -15.11
C ARG B 155 -26.97 -20.18 -14.72
N PRO B 156 -26.20 -20.70 -15.67
CA PRO B 156 -25.30 -21.78 -15.27
C PRO B 156 -24.20 -21.25 -14.34
N ILE B 157 -23.75 -22.10 -13.41
CA ILE B 157 -22.70 -21.73 -12.49
C ILE B 157 -21.51 -22.59 -12.86
N TYR B 158 -20.40 -21.94 -13.13
CA TYR B 158 -19.22 -22.63 -13.73
C TYR B 158 -17.99 -22.54 -12.88
N VAL B 159 -17.29 -23.67 -12.81
CA VAL B 159 -15.98 -23.73 -12.13
C VAL B 159 -14.98 -24.16 -13.17
N LEU B 160 -13.77 -23.56 -13.15
CA LEU B 160 -12.71 -24.01 -14.02
C LEU B 160 -11.89 -25.02 -13.23
N LYS B 161 -11.63 -26.14 -13.84
CA LYS B 161 -10.74 -27.14 -13.23
C LYS B 161 -9.39 -27.06 -13.95
N PHE B 162 -8.32 -26.86 -13.18
CA PHE B 162 -6.95 -26.94 -13.72
C PHE B 162 -6.32 -28.22 -13.17
N SER B 163 -5.93 -29.10 -14.06
CA SER B 163 -5.44 -30.43 -13.64
C SER B 163 -4.46 -31.02 -14.65
N THR B 164 -3.47 -31.77 -14.17
CA THR B 164 -2.49 -32.37 -15.09
C THR B 164 -2.72 -33.83 -15.20
N GLY B 165 -3.84 -34.28 -14.66
CA GLY B 165 -4.19 -35.68 -14.73
C GLY B 165 -4.86 -36.21 -13.49
N GLY B 166 -4.83 -37.54 -13.37
CA GLY B 166 -5.59 -38.24 -12.35
C GLY B 166 -7.10 -38.04 -12.45
N SER B 167 -7.77 -38.53 -11.41
CA SER B 167 -9.16 -38.17 -11.11
C SER B 167 -9.34 -37.96 -9.57
N LYS B 168 -10.05 -36.90 -9.20
CA LYS B 168 -10.12 -36.36 -7.81
C LYS B 168 -8.79 -36.43 -7.05
N ARG B 169 -7.75 -35.92 -7.69
CA ARG B 169 -6.57 -35.59 -6.98
C ARG B 169 -6.90 -34.60 -5.84
N PRO B 170 -6.05 -34.54 -4.81
CA PRO B 170 -6.18 -33.49 -3.80
C PRO B 170 -6.27 -32.14 -4.54
N ALA B 171 -7.08 -31.22 -4.02
CA ALA B 171 -7.32 -30.02 -4.77
C ALA B 171 -7.37 -28.81 -3.85
N ILE B 172 -7.19 -27.66 -4.49
CA ILE B 172 -7.33 -26.33 -3.91
C ILE B 172 -8.53 -25.76 -4.59
N TRP B 173 -9.40 -25.16 -3.79
CA TRP B 173 -10.60 -24.48 -4.27
C TRP B 173 -10.42 -23.00 -3.99
N ILE B 174 -10.66 -22.20 -5.03
CA ILE B 174 -10.67 -20.75 -4.88
C ILE B 174 -11.97 -20.22 -5.45
N ASP B 175 -12.65 -19.36 -4.70
CA ASP B 175 -13.79 -18.64 -5.26
C ASP B 175 -13.72 -17.16 -5.10
N THR B 176 -14.27 -16.47 -6.09
CA THR B 176 -14.36 -15.04 -6.11
C THR B 176 -15.84 -14.66 -6.35
N GLY B 177 -16.22 -13.44 -5.98
CA GLY B 177 -17.54 -12.87 -6.38
C GLY B 177 -18.73 -13.44 -5.68
N ILE B 178 -18.55 -14.05 -4.53
CA ILE B 178 -19.76 -14.56 -3.85
C ILE B 178 -20.71 -13.36 -3.53
N HIS B 179 -20.09 -12.21 -3.25
CA HIS B 179 -20.83 -10.94 -3.18
C HIS B 179 -20.62 -10.18 -4.47
N SER B 180 -21.69 -9.97 -5.19
CA SER B 180 -21.59 -9.49 -6.56
C SER B 180 -20.93 -8.17 -6.72
N ARG B 181 -21.10 -7.25 -5.76
CA ARG B 181 -20.57 -5.88 -5.94
C ARG B 181 -19.05 -5.81 -5.74
N GLU B 182 -18.45 -6.92 -5.29
CA GLU B 182 -17.02 -6.86 -4.95
C GLU B 182 -16.20 -7.17 -6.23
N TRP B 183 -16.27 -6.26 -7.18
CA TRP B 183 -15.84 -6.55 -8.57
C TRP B 183 -14.36 -6.79 -8.73
N VAL B 184 -13.52 -6.24 -7.82
CA VAL B 184 -12.10 -6.58 -7.91
C VAL B 184 -11.87 -8.07 -7.74
N THR B 185 -12.83 -8.78 -7.09
CA THR B 185 -12.59 -10.19 -6.85
C THR B 185 -12.80 -10.96 -8.14
N GLN B 186 -13.90 -10.68 -8.87
CA GLN B 186 -14.12 -11.46 -10.11
C GLN B 186 -12.99 -11.11 -11.08
N ALA B 187 -12.61 -9.85 -11.14
CA ALA B 187 -11.56 -9.37 -12.09
C ALA B 187 -10.24 -10.08 -11.72
N SER B 188 -10.01 -10.28 -10.43
CA SER B 188 -8.75 -10.96 -10.01
C SER B 188 -8.82 -12.45 -10.38
N GLY B 189 -10.01 -13.04 -10.23
CA GLY B 189 -10.24 -14.43 -10.59
C GLY B 189 -9.95 -14.69 -12.06
N VAL B 190 -10.37 -13.79 -12.94
CA VAL B 190 -10.02 -13.88 -14.37
C VAL B 190 -8.51 -13.84 -14.53
N TRP B 191 -7.85 -12.90 -13.83
CA TRP B 191 -6.38 -12.79 -13.95
C TRP B 191 -5.72 -14.11 -13.41
N PHE B 192 -6.22 -14.66 -12.31
CA PHE B 192 -5.58 -15.89 -11.78
C PHE B 192 -5.70 -17.06 -12.81
N ALA B 193 -6.86 -17.20 -13.40
CA ALA B 193 -7.07 -18.22 -14.43
C ALA B 193 -6.03 -18.13 -15.52
N LYS B 194 -5.79 -16.94 -16.04
CA LYS B 194 -4.77 -16.76 -17.07
C LYS B 194 -3.40 -17.06 -16.50
N LYS B 195 -3.14 -16.59 -15.29
CA LYS B 195 -1.79 -16.76 -14.69
C LYS B 195 -1.39 -18.26 -14.57
N ILE B 196 -2.35 -19.06 -14.14
CA ILE B 196 -2.15 -20.49 -14.00
C ILE B 196 -1.74 -21.04 -15.38
N THR B 197 -2.45 -20.65 -16.45
CA THR B 197 -2.06 -21.13 -17.79
C THR B 197 -0.68 -20.61 -18.26
N GLN B 198 -0.31 -19.41 -17.88
CA GLN B 198 1.02 -18.86 -18.23
C GLN B 198 2.13 -19.55 -17.43
N ASP B 199 1.89 -19.81 -16.15
CA ASP B 199 3.01 -20.33 -15.28
C ASP B 199 3.18 -21.84 -15.33
N TYR B 200 2.09 -22.55 -15.63
CA TYR B 200 2.20 -24.01 -15.67
C TYR B 200 3.19 -24.44 -16.77
N GLY B 201 4.19 -25.23 -16.41
CA GLY B 201 5.20 -25.68 -17.37
C GLY B 201 6.36 -24.70 -17.59
N GLN B 202 6.29 -23.53 -16.96
CA GLN B 202 7.32 -22.48 -17.08
C GLN B 202 7.95 -22.14 -15.77
N ASP B 203 7.12 -21.92 -14.77
CA ASP B 203 7.62 -21.62 -13.44
C ASP B 203 7.59 -22.92 -12.63
N ALA B 204 8.75 -23.45 -12.20
CA ALA B 204 8.78 -24.81 -11.60
C ALA B 204 8.04 -24.92 -10.30
N ALA B 205 8.18 -23.88 -9.48
CA ALA B 205 7.50 -23.91 -8.16
C ALA B 205 5.99 -24.05 -8.37
N PHE B 206 5.44 -23.32 -9.34
CA PHE B 206 4.00 -23.40 -9.52
C PHE B 206 3.65 -24.70 -10.23
N THR B 207 4.47 -25.10 -11.19
CA THR B 207 4.25 -26.41 -11.87
C THR B 207 4.21 -27.57 -10.82
N ALA B 208 5.05 -27.48 -9.79
CA ALA B 208 5.07 -28.48 -8.70
C ALA B 208 3.72 -28.53 -8.02
N ILE B 209 3.06 -27.39 -7.86
CA ILE B 209 1.69 -27.46 -7.33
C ILE B 209 0.74 -28.26 -8.20
N LEU B 210 0.65 -27.95 -9.49
CA LEU B 210 -0.39 -28.55 -10.34
C LEU B 210 -0.03 -30.00 -10.76
N ASP B 211 1.23 -30.39 -10.57
CA ASP B 211 1.64 -31.77 -10.90
C ASP B 211 1.18 -32.75 -9.86
N THR B 212 0.79 -32.23 -8.70
CA THR B 212 0.20 -33.03 -7.61
C THR B 212 -1.25 -32.71 -7.26
N LEU B 213 -1.59 -31.42 -7.27
CA LEU B 213 -2.93 -30.99 -6.89
C LEU B 213 -3.69 -30.43 -8.10
N ASP B 214 -5.01 -30.54 -8.09
CA ASP B 214 -5.86 -29.82 -8.99
C ASP B 214 -6.20 -28.48 -8.37
N ILE B 215 -6.55 -27.51 -9.22
CA ILE B 215 -7.04 -26.22 -8.73
C ILE B 215 -8.44 -26.01 -9.34
N PHE B 216 -9.43 -25.73 -8.47
CA PHE B 216 -10.77 -25.36 -8.93
C PHE B 216 -10.95 -23.91 -8.68
N LEU B 217 -11.41 -23.17 -9.68
CA LEU B 217 -11.53 -21.74 -9.53
C LEU B 217 -12.94 -21.34 -9.99
N GLU B 218 -13.73 -20.81 -9.08
CA GLU B 218 -15.09 -20.32 -9.39
C GLU B 218 -15.02 -18.83 -9.44
N ILE B 219 -14.99 -18.25 -10.66
CA ILE B 219 -14.81 -16.82 -10.81
C ILE B 219 -15.99 -15.94 -10.44
N VAL B 220 -17.17 -16.39 -10.86
CA VAL B 220 -18.40 -15.67 -10.58
C VAL B 220 -19.25 -16.60 -9.75
N THR B 221 -19.10 -16.48 -8.45
CA THR B 221 -19.79 -17.40 -7.56
C THR B 221 -21.27 -16.99 -7.42
N ASN B 222 -21.59 -15.78 -7.85
CA ASN B 222 -22.99 -15.27 -7.72
C ASN B 222 -23.37 -14.57 -9.03
N PRO B 223 -23.67 -15.38 -10.04
CA PRO B 223 -23.88 -14.77 -11.36
C PRO B 223 -25.11 -13.87 -11.46
N ASP B 224 -26.20 -14.18 -10.74
CA ASP B 224 -27.41 -13.34 -10.81
C ASP B 224 -27.11 -11.97 -10.23
N GLY B 225 -26.41 -11.95 -9.12
CA GLY B 225 -26.09 -10.72 -8.42
C GLY B 225 -25.11 -9.96 -9.29
N PHE B 226 -24.18 -10.66 -9.90
CA PHE B 226 -23.25 -9.99 -10.85
C PHE B 226 -23.93 -9.34 -12.04
N ALA B 227 -24.80 -10.08 -12.73
CA ALA B 227 -25.54 -9.48 -13.85
C ALA B 227 -26.34 -8.26 -13.33
N PHE B 228 -26.87 -8.36 -12.12
CA PHE B 228 -27.61 -7.25 -11.53
C PHE B 228 -26.71 -6.00 -11.20
N THR B 229 -25.46 -6.20 -10.80
CA THR B 229 -24.60 -5.07 -10.58
C THR B 229 -24.30 -4.35 -11.88
N HIS B 230 -24.42 -5.06 -13.01
CA HIS B 230 -24.19 -4.50 -14.33
C HIS B 230 -25.48 -3.86 -14.85
N SER B 231 -26.59 -4.54 -14.66
CA SER B 231 -27.84 -4.09 -15.32
C SER B 231 -28.61 -3.04 -14.52
N THR B 232 -28.58 -3.08 -13.20
CA THR B 232 -29.54 -2.32 -12.38
C THR B 232 -28.93 -1.61 -11.20
N ASN B 233 -28.06 -2.30 -10.48
CA ASN B 233 -27.60 -1.75 -9.24
C ASN B 233 -26.18 -2.22 -8.84
N ARG B 234 -25.21 -1.35 -9.09
CA ARG B 234 -23.79 -1.60 -8.85
C ARG B 234 -23.51 -2.05 -7.43
N MET B 235 -24.38 -1.65 -6.49
CA MET B 235 -24.15 -1.90 -5.05
C MET B 235 -24.85 -3.15 -4.54
N TRP B 236 -25.30 -3.98 -5.46
CA TRP B 236 -25.98 -5.21 -5.03
C TRP B 236 -25.00 -6.24 -4.47
N ARG B 237 -25.36 -6.83 -3.29
CA ARG B 237 -24.50 -7.80 -2.60
C ARG B 237 -24.98 -9.25 -2.63
N LYS B 238 -26.31 -9.44 -2.48
CA LYS B 238 -26.84 -10.73 -2.11
C LYS B 238 -27.15 -11.54 -3.37
N THR B 239 -27.78 -12.69 -3.18
CA THR B 239 -28.36 -13.44 -4.29
C THR B 239 -29.59 -12.66 -4.79
N ARG B 240 -30.35 -13.22 -5.73
CA ARG B 240 -31.54 -12.57 -6.26
C ARG B 240 -32.74 -13.47 -6.01
N SER B 241 -32.71 -14.27 -4.95
CA SER B 241 -33.89 -15.12 -4.64
C SER B 241 -35.06 -14.30 -4.03
N HIS B 242 -36.29 -14.64 -4.38
CA HIS B 242 -37.44 -13.97 -3.81
C HIS B 242 -37.75 -14.56 -2.49
N THR B 243 -37.99 -13.70 -1.51
CA THR B 243 -38.27 -14.16 -0.14
C THR B 243 -39.77 -14.15 0.09
N ALA B 244 -40.30 -15.35 0.33
CA ALA B 244 -41.67 -15.53 0.74
C ALA B 244 -42.08 -14.51 1.81
N GLY B 245 -43.18 -13.81 1.54
CA GLY B 245 -43.79 -12.79 2.41
C GLY B 245 -42.96 -11.56 2.74
N SER B 246 -42.16 -11.09 1.78
CA SER B 246 -41.35 -9.90 1.92
C SER B 246 -41.27 -9.14 0.57
N LEU B 247 -41.10 -7.81 0.57
CA LEU B 247 -40.77 -7.04 -0.67
C LEU B 247 -39.27 -7.15 -0.99
N CYS B 248 -38.50 -7.68 -0.05
CA CYS B 248 -37.07 -7.61 -0.22
C CYS B 248 -36.54 -8.87 -0.89
N ILE B 249 -35.49 -8.71 -1.66
CA ILE B 249 -34.96 -9.80 -2.48
C ILE B 249 -33.56 -10.14 -2.04
N GLY B 250 -33.27 -11.43 -2.02
CA GLY B 250 -31.87 -11.91 -1.86
C GLY B 250 -31.52 -12.31 -0.44
N VAL B 251 -30.58 -13.25 -0.37
CA VAL B 251 -30.02 -13.79 0.84
C VAL B 251 -28.52 -13.53 0.70
N ASP B 252 -27.91 -13.26 1.83
CA ASP B 252 -26.45 -13.07 1.92
C ASP B 252 -25.83 -14.44 1.80
N PRO B 253 -25.23 -14.76 0.63
CA PRO B 253 -24.68 -16.10 0.50
C PRO B 253 -23.54 -16.41 1.51
N ASN B 254 -22.96 -15.41 2.14
CA ASN B 254 -21.94 -15.65 3.11
C ASN B 254 -22.46 -15.60 4.55
N ARG B 255 -23.78 -15.77 4.69
CA ARG B 255 -24.45 -16.05 5.98
C ARG B 255 -25.29 -17.30 5.90
N ASN B 256 -25.22 -18.03 4.76
CA ASN B 256 -26.22 -19.08 4.46
C ASN B 256 -25.66 -20.49 4.60
N TRP B 257 -24.40 -20.60 4.99
CA TRP B 257 -23.71 -21.91 5.18
C TRP B 257 -24.10 -22.53 6.49
N ASP B 258 -24.04 -23.85 6.54
CA ASP B 258 -24.48 -24.57 7.81
C ASP B 258 -23.33 -24.67 8.87
N ALA B 259 -22.87 -23.53 9.39
CA ALA B 259 -21.92 -23.50 10.50
C ALA B 259 -22.33 -22.28 11.25
N GLY B 260 -22.86 -22.45 12.45
CA GLY B 260 -23.39 -21.35 13.21
C GLY B 260 -24.61 -20.73 12.57
N PHE B 261 -25.32 -21.48 11.71
CA PHE B 261 -26.36 -20.89 10.92
C PHE B 261 -27.40 -20.19 11.78
N GLY B 262 -27.68 -18.93 11.47
CA GLY B 262 -28.73 -18.17 12.16
C GLY B 262 -28.41 -17.66 13.54
N LEU B 263 -27.18 -17.90 14.03
CA LEU B 263 -26.72 -17.42 15.34
C LEU B 263 -26.25 -15.97 15.23
N SER B 264 -25.91 -15.37 16.35
CA SER B 264 -25.38 -14.01 16.35
C SER B 264 -24.33 -13.79 15.21
N GLY B 265 -24.42 -12.67 14.51
CA GLY B 265 -23.49 -12.45 13.40
C GLY B 265 -24.12 -12.53 12.01
N ALA B 266 -25.44 -12.59 11.96
CA ALA B 266 -26.22 -12.49 10.72
C ALA B 266 -27.55 -11.85 11.12
N SER B 267 -28.36 -11.49 10.11
CA SER B 267 -29.72 -10.93 10.32
C SER B 267 -30.85 -11.85 9.85
N SER B 268 -31.94 -11.92 10.59
CA SER B 268 -33.11 -12.66 10.13
C SER B 268 -34.08 -11.71 9.34
N ASN B 269 -33.67 -10.48 9.07
CA ASN B 269 -34.55 -9.52 8.37
C ASN B 269 -34.27 -9.67 6.90
N PRO B 270 -35.26 -10.10 6.10
CA PRO B 270 -34.99 -10.26 4.67
C PRO B 270 -34.45 -9.03 3.94
N CYS B 271 -34.63 -7.84 4.51
CA CYS B 271 -34.12 -6.62 3.85
C CYS B 271 -32.67 -6.34 4.13
N SER B 272 -32.10 -7.10 5.08
CA SER B 272 -30.73 -6.86 5.53
C SER B 272 -29.70 -7.35 4.54
N GLU B 273 -28.55 -6.67 4.50
CA GLU B 273 -27.37 -7.03 3.71
C GLU B 273 -26.89 -8.41 4.14
N THR B 274 -27.13 -8.73 5.40
CA THR B 274 -26.58 -9.99 6.01
C THR B 274 -27.70 -10.98 6.31
N TYR B 275 -28.85 -10.88 5.61
CA TYR B 275 -29.97 -11.81 5.82
C TYR B 275 -29.49 -13.25 5.59
N HIS B 276 -29.67 -14.12 6.59
CA HIS B 276 -29.17 -15.50 6.43
C HIS B 276 -30.08 -16.48 5.61
N GLY B 277 -31.33 -16.06 5.32
CA GLY B 277 -32.29 -16.89 4.58
C GLY B 277 -32.94 -17.81 5.60
N LYS B 278 -33.78 -18.69 5.11
CA LYS B 278 -34.66 -19.46 6.01
C LYS B 278 -34.01 -20.72 6.59
N PHE B 279 -33.09 -21.27 5.82
CA PHE B 279 -32.33 -22.45 6.25
C PHE B 279 -30.97 -22.42 5.56
N ALA B 280 -29.98 -23.05 6.21
CA ALA B 280 -28.66 -23.12 5.62
C ALA B 280 -28.74 -23.82 4.26
N ASN B 281 -28.02 -23.27 3.28
CA ASN B 281 -27.97 -23.85 1.93
C ASN B 281 -29.27 -23.64 1.16
N SER B 282 -30.12 -22.70 1.64
CA SER B 282 -31.31 -22.41 0.87
C SER B 282 -30.91 -21.84 -0.47
N GLU B 283 -29.76 -21.16 -0.54
CA GLU B 283 -29.34 -20.52 -1.79
C GLU B 283 -28.66 -21.55 -2.65
N VAL B 284 -29.23 -21.81 -3.85
CA VAL B 284 -28.62 -22.80 -4.79
C VAL B 284 -27.15 -22.47 -5.11
N GLU B 285 -26.77 -21.20 -5.12
CA GLU B 285 -25.37 -20.87 -5.40
C GLU B 285 -24.45 -21.43 -4.29
N VAL B 286 -24.98 -21.53 -3.05
CA VAL B 286 -24.22 -22.07 -1.95
C VAL B 286 -24.37 -23.57 -1.95
N LYS B 287 -25.59 -24.05 -2.13
CA LYS B 287 -25.83 -25.50 -2.15
C LYS B 287 -25.04 -26.19 -3.26
N SER B 288 -24.82 -25.51 -4.37
CA SER B 288 -24.09 -26.14 -5.47
C SER B 288 -22.66 -26.36 -5.05
N ILE B 289 -22.09 -25.39 -4.32
CA ILE B 289 -20.68 -25.60 -3.81
C ILE B 289 -20.65 -26.70 -2.78
N VAL B 290 -21.59 -26.65 -1.82
CA VAL B 290 -21.62 -27.67 -0.78
C VAL B 290 -21.68 -29.08 -1.40
N ASP B 291 -22.59 -29.26 -2.36
CA ASP B 291 -22.67 -30.53 -3.09
C ASP B 291 -21.38 -30.91 -3.73
N PHE B 292 -20.75 -29.96 -4.44
CA PHE B 292 -19.48 -30.25 -5.09
C PHE B 292 -18.43 -30.77 -4.13
N VAL B 293 -18.28 -30.08 -3.00
CA VAL B 293 -17.23 -30.33 -2.02
C VAL B 293 -17.45 -31.69 -1.38
N LYS B 294 -18.69 -31.99 -1.06
CA LYS B 294 -19.00 -33.26 -0.42
C LYS B 294 -18.85 -34.43 -1.41
N ASP B 295 -19.18 -34.18 -2.66
CA ASP B 295 -19.11 -35.23 -3.70
C ASP B 295 -17.63 -35.45 -4.09
N HIS B 296 -16.82 -34.40 -3.97
CA HIS B 296 -15.42 -34.49 -4.40
C HIS B 296 -14.63 -35.27 -3.37
N GLY B 297 -14.60 -34.72 -2.15
CA GLY B 297 -14.04 -35.38 -0.99
C GLY B 297 -12.54 -35.21 -0.80
N ASN B 298 -11.86 -34.56 -1.75
CA ASN B 298 -10.41 -34.42 -1.70
C ASN B 298 -9.98 -32.95 -1.77
N ILE B 299 -10.85 -32.03 -1.37
CA ILE B 299 -10.43 -30.64 -1.36
C ILE B 299 -9.56 -30.39 -0.10
N LYS B 300 -8.31 -29.96 -0.25
CA LYS B 300 -7.41 -29.81 0.86
C LYS B 300 -7.29 -28.34 1.32
N ALA B 301 -7.57 -27.39 0.40
CA ALA B 301 -7.58 -25.97 0.75
C ALA B 301 -8.77 -25.32 0.07
N PHE B 302 -9.36 -24.30 0.74
CA PHE B 302 -10.55 -23.67 0.24
C PHE B 302 -10.40 -22.24 0.55
N ILE B 303 -10.35 -21.41 -0.48
CA ILE B 303 -10.11 -20.02 -0.28
C ILE B 303 -11.20 -19.20 -0.90
N SER B 304 -11.86 -18.42 -0.06
CA SER B 304 -13.02 -17.63 -0.53
C SER B 304 -12.66 -16.17 -0.52
N ILE B 305 -12.75 -15.47 -1.67
CA ILE B 305 -12.23 -14.15 -1.76
C ILE B 305 -13.32 -13.07 -1.88
N HIS B 306 -13.10 -12.01 -1.12
CA HIS B 306 -14.03 -10.85 -1.00
C HIS B 306 -13.22 -9.57 -1.11
N SER B 307 -13.91 -8.43 -1.18
CA SER B 307 -13.32 -7.17 -0.85
C SER B 307 -14.37 -6.38 -0.07
N TYR B 308 -14.03 -5.28 0.61
CA TYR B 308 -12.66 -4.77 0.81
C TYR B 308 -12.24 -5.02 2.27
N SER B 309 -11.02 -4.63 2.67
CA SER B 309 -10.55 -4.54 4.03
C SER B 309 -9.09 -4.91 4.24
N GLN B 310 -8.51 -5.65 3.28
CA GLN B 310 -7.10 -6.09 3.33
C GLN B 310 -6.91 -7.00 4.53
N LEU B 311 -7.53 -8.17 4.48
CA LEU B 311 -7.47 -9.10 5.61
C LEU B 311 -7.27 -10.47 5.05
N LEU B 312 -6.56 -11.33 5.80
CA LEU B 312 -6.50 -12.77 5.44
C LEU B 312 -6.90 -13.49 6.71
N MET B 313 -7.93 -14.33 6.64
CA MET B 313 -8.51 -14.82 7.91
C MET B 313 -8.73 -16.31 7.80
N TYR B 314 -8.71 -16.96 8.94
CA TYR B 314 -9.04 -18.35 9.04
C TYR B 314 -10.19 -18.52 10.03
N PRO B 315 -10.68 -19.80 10.27
CA PRO B 315 -11.85 -19.94 11.15
C PRO B 315 -11.57 -19.59 12.63
N TYR B 316 -12.56 -19.27 13.51
CA TYR B 316 -13.96 -19.23 13.15
C TYR B 316 -14.42 -17.80 13.11
N GLY B 317 -15.50 -17.58 12.40
CA GLY B 317 -16.18 -16.31 12.43
C GLY B 317 -17.32 -16.39 13.41
N TYR B 318 -17.94 -17.56 13.56
CA TYR B 318 -19.20 -17.59 14.37
C TYR B 318 -18.98 -17.74 15.89
N LYS B 319 -17.80 -18.21 16.30
CA LYS B 319 -17.58 -18.42 17.73
C LYS B 319 -16.11 -18.07 18.09
N THR B 320 -15.82 -17.80 19.39
CA THR B 320 -14.41 -17.39 19.83
C THR B 320 -13.46 -18.52 19.98
N GLU B 321 -13.98 -19.74 20.08
CA GLU B 321 -13.17 -20.94 20.27
C GLU B 321 -12.12 -21.04 19.15
N PRO B 322 -10.82 -21.14 19.51
CA PRO B 322 -9.92 -21.21 18.34
C PRO B 322 -9.92 -22.58 17.70
N VAL B 323 -9.60 -22.61 16.41
CA VAL B 323 -9.51 -23.84 15.62
C VAL B 323 -8.28 -24.71 16.17
N PRO B 324 -8.34 -26.07 16.09
CA PRO B 324 -7.20 -26.86 16.69
C PRO B 324 -5.92 -26.54 15.96
N ASP B 325 -6.06 -26.09 14.71
CA ASP B 325 -4.93 -25.79 13.85
C ASP B 325 -4.52 -24.30 13.88
N GLN B 326 -4.89 -23.58 14.95
CA GLN B 326 -4.77 -22.13 14.94
C GLN B 326 -3.29 -21.68 14.76
N ASP B 327 -2.36 -22.36 15.44
CA ASP B 327 -0.96 -21.86 15.43
C ASP B 327 -0.44 -22.02 14.02
N GLU B 328 -0.72 -23.18 13.42
CA GLU B 328 -0.24 -23.41 12.04
C GLU B 328 -0.88 -22.45 11.06
N LEU B 329 -2.19 -22.27 11.17
CA LEU B 329 -2.86 -21.36 10.27
C LEU B 329 -2.37 -19.92 10.46
N ASP B 330 -2.05 -19.56 11.68
CA ASP B 330 -1.68 -18.17 11.94
C ASP B 330 -0.27 -17.94 11.39
N GLN B 331 0.65 -18.89 11.59
CA GLN B 331 1.99 -18.75 10.95
C GLN B 331 1.91 -18.74 9.42
N LEU B 332 1.01 -19.53 8.87
CA LEU B 332 0.85 -19.55 7.42
C LEU B 332 0.30 -18.22 6.95
N SER B 333 -0.67 -17.69 7.68
CA SER B 333 -1.25 -16.37 7.32
C SER B 333 -0.21 -15.27 7.36
N LYS B 334 0.61 -15.26 8.44
CA LYS B 334 1.73 -14.29 8.50
C LYS B 334 2.63 -14.38 7.27
N ALA B 335 3.04 -15.60 6.90
CA ALA B 335 3.89 -15.75 5.71
C ALA B 335 3.16 -15.24 4.46
N ALA B 336 1.87 -15.57 4.32
CA ALA B 336 1.15 -15.19 3.13
C ALA B 336 1.00 -13.65 3.02
N VAL B 337 0.76 -12.98 4.14
CA VAL B 337 0.55 -11.51 4.09
C VAL B 337 1.89 -10.83 3.91
N THR B 338 2.94 -11.47 4.37
CA THR B 338 4.30 -10.91 4.16
C THR B 338 4.61 -11.01 2.68
N ALA B 339 4.25 -12.14 2.07
CA ALA B 339 4.54 -12.33 0.68
C ALA B 339 3.77 -11.31 -0.14
N LEU B 340 2.47 -11.18 0.15
CA LEU B 340 1.61 -10.25 -0.53
C LEU B 340 2.18 -8.80 -0.52
N ALA B 341 2.57 -8.35 0.67
CA ALA B 341 3.00 -6.97 0.90
C ALA B 341 4.29 -6.62 0.16
N SER B 342 5.11 -7.65 -0.10
CA SER B 342 6.43 -7.42 -0.75
C SER B 342 6.28 -6.67 -2.08
N LEU B 343 5.21 -7.01 -2.82
CA LEU B 343 5.06 -6.53 -4.19
C LEU B 343 4.79 -5.02 -4.29
N TYR B 344 3.67 -4.58 -3.71
CA TYR B 344 3.22 -3.18 -3.83
C TYR B 344 3.06 -2.54 -2.49
N GLY B 345 3.55 -3.21 -1.45
CA GLY B 345 3.46 -2.61 -0.11
C GLY B 345 2.12 -2.75 0.59
N THR B 346 1.17 -3.49 0.03
CA THR B 346 -0.17 -3.52 0.62
C THR B 346 -0.22 -4.29 1.96
N LYS B 347 -0.73 -3.65 3.02
CA LYS B 347 -0.65 -4.22 4.39
C LYS B 347 -1.94 -4.97 4.73
N PHE B 348 -1.85 -6.29 4.95
CA PHE B 348 -3.02 -7.05 5.38
C PHE B 348 -2.84 -7.44 6.83
N ASN B 349 -3.91 -7.34 7.60
CA ASN B 349 -3.97 -7.94 8.95
C ASN B 349 -4.51 -9.38 8.80
N TYR B 350 -4.34 -10.19 9.84
CA TYR B 350 -4.75 -11.60 9.68
C TYR B 350 -5.16 -12.10 11.06
N GLY B 351 -5.93 -13.21 11.09
CA GLY B 351 -6.35 -13.82 12.36
C GLY B 351 -7.58 -14.63 12.04
N SER B 352 -8.20 -15.23 13.04
CA SER B 352 -9.53 -15.77 12.88
C SER B 352 -10.47 -14.66 12.43
N ILE B 353 -11.55 -15.04 11.76
CA ILE B 353 -12.53 -14.07 11.30
C ILE B 353 -13.03 -13.26 12.52
N ILE B 354 -13.39 -13.96 13.60
CA ILE B 354 -13.99 -13.29 14.75
C ILE B 354 -13.04 -12.27 15.39
N LYS B 355 -11.75 -12.59 15.46
CA LYS B 355 -10.77 -11.62 15.96
C LYS B 355 -10.40 -10.49 15.01
N ALA B 356 -10.28 -10.80 13.73
CA ALA B 356 -9.70 -9.89 12.76
C ALA B 356 -10.72 -8.97 12.12
N ILE B 357 -12.00 -9.36 12.14
CA ILE B 357 -13.03 -8.43 11.63
C ILE B 357 -14.21 -8.30 12.58
N TYR B 358 -14.97 -9.39 12.77
CA TYR B 358 -16.18 -9.36 13.65
C TYR B 358 -16.80 -10.72 13.69
N GLN B 359 -17.70 -10.92 14.67
CA GLN B 359 -18.47 -12.16 14.62
C GLN B 359 -19.34 -12.19 13.38
N ALA B 360 -19.34 -13.31 12.68
CA ALA B 360 -20.19 -13.54 11.49
C ALA B 360 -20.59 -15.02 11.52
N SER B 361 -21.90 -15.27 11.35
CA SER B 361 -22.35 -16.64 11.37
C SER B 361 -22.80 -17.16 10.00
N GLY B 362 -22.70 -18.46 9.78
CA GLY B 362 -23.09 -19.01 8.51
C GLY B 362 -22.15 -18.67 7.37
N SER B 363 -20.86 -18.36 7.67
CA SER B 363 -19.95 -18.00 6.55
C SER B 363 -19.17 -19.21 6.02
N THR B 364 -18.58 -19.05 4.84
CA THR B 364 -18.15 -20.20 4.06
C THR B 364 -17.10 -21.03 4.81
N ILE B 365 -16.05 -20.38 5.35
CA ILE B 365 -14.91 -21.19 5.73
C ILE B 365 -15.17 -21.84 7.06
N ASP B 366 -16.15 -21.33 7.84
CA ASP B 366 -16.49 -22.09 9.06
C ASP B 366 -17.06 -23.43 8.65
N TRP B 367 -17.93 -23.42 7.62
CA TRP B 367 -18.43 -24.66 7.06
C TRP B 367 -17.34 -25.59 6.46
N THR B 368 -16.49 -25.04 5.54
CA THR B 368 -15.51 -25.87 4.92
C THR B 368 -14.55 -26.45 5.99
N TYR B 369 -14.18 -25.68 7.04
CA TYR B 369 -13.22 -26.16 7.96
C TYR B 369 -13.90 -27.30 8.78
N SER B 370 -15.18 -27.13 9.12
CA SER B 370 -15.99 -28.20 9.76
C SER B 370 -16.08 -29.52 8.92
N GLN B 371 -15.85 -29.44 7.62
CA GLN B 371 -15.78 -30.61 6.78
C GLN B 371 -14.40 -31.21 6.70
N GLY B 372 -13.48 -30.76 7.54
CA GLY B 372 -12.09 -31.28 7.54
C GLY B 372 -11.16 -30.57 6.58
N ILE B 373 -11.58 -29.43 6.00
CA ILE B 373 -10.72 -28.75 5.00
C ILE B 373 -9.83 -27.85 5.81
N LYS B 374 -8.62 -28.34 6.10
CA LYS B 374 -7.78 -27.69 7.09
C LYS B 374 -7.39 -26.25 6.64
N TYR B 375 -7.01 -26.12 5.37
CA TYR B 375 -6.50 -24.87 4.82
C TYR B 375 -7.66 -24.01 4.28
N SER B 376 -8.53 -23.59 5.21
CA SER B 376 -9.73 -22.80 4.92
C SER B 376 -9.44 -21.36 5.28
N PHE B 377 -9.47 -20.50 4.25
CA PHE B 377 -9.08 -19.11 4.39
C PHE B 377 -10.04 -18.26 3.65
N THR B 378 -10.28 -17.05 4.15
CA THR B 378 -11.05 -16.07 3.42
C THR B 378 -10.22 -14.77 3.29
N PHE B 379 -10.12 -14.23 2.08
CA PHE B 379 -9.36 -12.99 1.86
C PHE B 379 -10.33 -11.83 1.74
N GLU B 380 -9.91 -10.65 2.27
CA GLU B 380 -10.57 -9.39 1.89
C GLU B 380 -9.52 -8.59 1.19
N LEU B 381 -9.72 -8.26 -0.11
CA LEU B 381 -8.66 -7.57 -0.84
C LEU B 381 -8.76 -6.05 -0.67
N ARG B 382 -8.07 -5.34 -1.55
CA ARG B 382 -8.02 -3.88 -1.46
C ARG B 382 -9.44 -3.28 -1.50
N ASP B 383 -9.70 -2.12 -0.87
CA ASP B 383 -8.69 -1.33 -0.12
C ASP B 383 -9.13 -1.28 1.36
N THR B 384 -8.94 -0.18 2.11
CA THR B 384 -9.45 -0.18 3.48
C THR B 384 -10.44 0.94 3.59
N GLY B 385 -11.09 1.30 2.47
CA GLY B 385 -12.29 2.11 2.51
C GLY B 385 -12.36 3.36 1.67
N ARG B 386 -11.22 3.88 1.18
N ARG B 386 -11.22 3.87 1.18
N ARG B 386 -11.23 3.88 1.18
CA ARG B 386 -11.25 5.11 0.31
CA ARG B 386 -11.25 5.13 0.37
CA ARG B 386 -11.27 5.13 0.38
C ARG B 386 -12.19 4.85 -0.84
C ARG B 386 -11.99 4.94 -0.97
C ARG B 386 -12.06 4.92 -0.93
N TYR B 387 -11.97 3.71 -1.49
CA TYR B 387 -12.79 3.31 -2.64
C TYR B 387 -13.82 2.22 -2.25
N GLY B 388 -13.53 1.45 -1.22
CA GLY B 388 -14.38 0.29 -0.89
C GLY B 388 -14.47 -0.71 -2.07
N PHE B 389 -15.67 -1.17 -2.42
CA PHE B 389 -15.72 -2.09 -3.55
C PHE B 389 -15.72 -1.36 -4.90
N LEU B 390 -15.65 -0.04 -4.88
CA LEU B 390 -15.56 0.71 -6.12
C LEU B 390 -14.10 0.98 -6.46
N LEU B 391 -13.26 -0.03 -6.28
CA LEU B 391 -11.85 0.08 -6.65
C LEU B 391 -11.65 0.39 -8.14
N PRO B 392 -10.76 1.34 -8.44
CA PRO B 392 -10.52 1.71 -9.83
C PRO B 392 -9.93 0.55 -10.60
N ALA B 393 -10.35 0.44 -11.88
CA ALA B 393 -9.87 -0.62 -12.75
C ALA B 393 -8.32 -0.62 -12.80
N SER B 394 -7.66 0.54 -12.62
CA SER B 394 -6.20 0.57 -12.64
C SER B 394 -5.57 -0.22 -11.48
N GLN B 395 -6.39 -0.69 -10.53
CA GLN B 395 -5.84 -1.48 -9.43
C GLN B 395 -6.20 -2.94 -9.48
N ILE B 396 -6.91 -3.34 -10.54
CA ILE B 396 -7.16 -4.76 -10.72
C ILE B 396 -5.92 -5.58 -10.76
N ILE B 397 -4.98 -5.27 -11.64
CA ILE B 397 -3.84 -6.14 -11.90
C ILE B 397 -2.92 -6.15 -10.70
N PRO B 398 -2.68 -4.97 -10.09
CA PRO B 398 -1.85 -5.00 -8.89
C PRO B 398 -2.48 -5.81 -7.74
N THR B 399 -3.81 -5.76 -7.63
CA THR B 399 -4.52 -6.56 -6.60
C THR B 399 -4.34 -8.02 -6.88
N ALA B 400 -4.56 -8.39 -8.14
CA ALA B 400 -4.52 -9.79 -8.50
C ALA B 400 -3.09 -10.30 -8.30
N LYS B 401 -2.07 -9.54 -8.75
CA LYS B 401 -0.67 -10.01 -8.63
C LYS B 401 -0.27 -10.26 -7.16
N GLU B 402 -0.61 -9.30 -6.33
CA GLU B 402 -0.12 -9.38 -4.94
C GLU B 402 -0.91 -10.51 -4.24
N THR B 403 -2.20 -10.63 -4.58
CA THR B 403 -3.05 -11.70 -3.98
C THR B 403 -2.52 -13.08 -4.38
N TRP B 404 -2.09 -13.17 -5.64
CA TRP B 404 -1.53 -14.42 -6.16
C TRP B 404 -0.26 -14.85 -5.35
N LEU B 405 0.59 -13.90 -4.93
CA LEU B 405 1.68 -14.29 -4.04
C LEU B 405 1.20 -14.94 -2.73
N ALA B 406 0.13 -14.43 -2.15
CA ALA B 406 -0.40 -14.99 -0.91
C ALA B 406 -0.99 -16.36 -1.21
N LEU B 407 -1.70 -16.45 -2.35
CA LEU B 407 -2.28 -17.76 -2.77
C LEU B 407 -1.19 -18.81 -2.98
N LEU B 408 -0.09 -18.41 -3.58
CA LEU B 408 1.03 -19.34 -3.71
C LEU B 408 1.56 -19.80 -2.40
N THR B 409 1.61 -18.89 -1.42
CA THR B 409 2.07 -19.30 -0.11
C THR B 409 1.17 -20.40 0.46
N ILE B 410 -0.14 -20.23 0.34
CA ILE B 410 -1.08 -21.22 0.91
C ILE B 410 -0.98 -22.52 0.10
N MET B 411 -0.86 -22.40 -1.22
CA MET B 411 -0.80 -23.61 -2.04
C MET B 411 0.50 -24.38 -1.85
N GLU B 412 1.65 -23.70 -1.74
CA GLU B 412 2.90 -24.39 -1.37
C GLU B 412 2.75 -25.18 -0.07
N HIS B 413 2.14 -24.53 0.92
CA HIS B 413 1.95 -25.18 2.18
C HIS B 413 1.04 -26.40 2.04
N THR B 414 -0.06 -26.25 1.31
CA THR B 414 -0.96 -27.41 1.08
C THR B 414 -0.19 -28.57 0.43
N LEU B 415 0.67 -28.21 -0.53
CA LEU B 415 1.50 -29.19 -1.26
C LEU B 415 2.52 -29.87 -0.34
N ASN B 416 3.26 -29.07 0.44
CA ASN B 416 4.48 -29.59 1.09
C ASN B 416 4.32 -30.00 2.55
N HIS B 417 3.27 -29.50 3.18
CA HIS B 417 2.99 -29.74 4.59
C HIS B 417 1.50 -30.09 4.82
N PRO B 418 1.02 -31.20 4.26
CA PRO B 418 -0.39 -31.62 4.48
C PRO B 418 -0.75 -31.82 5.98
#